data_5MAK
#
_entry.id   5MAK
#
_cell.length_a   57.960
_cell.length_b   61.380
_cell.length_c   89.380
_cell.angle_alpha   93.12
_cell.angle_beta   102.74
_cell.angle_gamma   94.76
#
_symmetry.space_group_name_H-M   'P 1'
#
loop_
_entity.id
_entity.type
_entity.pdbx_description
1 polymer 'Green fluorescent protein'
2 polymer R7
3 non-polymer 'CITRIC ACID'
4 water water
#
loop_
_entity_poly.entity_id
_entity_poly.type
_entity_poly.pdbx_seq_one_letter_code
_entity_poly.pdbx_strand_id
1 'polypeptide(L)'
;GPGSMVSKGEELFTGVVPILVELDGDVNGHKFSVSGEGEGDATYGKLTLKFICTTGKLPVPWPTLVTTL(CRO)VQCFSR
YPDHMKQHDFFKSAMPEGYVQERTIFFKDDGNYKTRAEVKFEGDTLVNRIELKGIDFKEDGNILGHKLEYNYNSHNVYIM
ADKQKNGIKVNFKIRHNIEDGSVQLADHYQQNTPIGDGPVLLPDNHYLSTQSALSKDPNEKRDHMVLLEFVTAAGITLGM
DELYKQA
;
B,D
2 'polypeptide(L)'
;GPGSDLGKKLLEAARAGQDDEVRILMANGADVNAADDVGVTPLHLAAQRGHLEIVEVLLKYGADVNAADLWGQTPLHLAA
TAGHLEIVEVLLKNGADVNARDNIGHTPLHLAAWAGHLEIVEVLLKYGADVNAQDKFGKTPFDLAIDNGNEDIAEVLQKA
AGGGSGGGDVNAYDEVGWTPLHRAAWGHLELVEKLLKNGADVNAADIDGYTPLHLAAFSGHLEIVEVLLKYGADVNADDQ
AGFTPLHLAAIFGHLEIVEVLLKNGADVNAQDKFGKTPFDLAIDNGNEDIAEVLQKAA
;
A,C
#
loop_
_chem_comp.id
_chem_comp.type
_chem_comp.name
_chem_comp.formula
CIT non-polymer 'CITRIC ACID' 'C6 H8 O7'
#
# COMPACT_ATOMS: atom_id res chain seq x y z
N SER A 7 -3.94 -5.32 4.34
CA SER A 7 -3.87 -3.87 4.22
C SER A 7 -2.44 -3.39 4.05
N LYS A 8 -1.57 -3.85 4.95
CA LYS A 8 -0.14 -3.51 4.96
C LYS A 8 0.11 -2.07 5.35
N GLY A 9 -0.90 -1.36 5.87
CA GLY A 9 -0.70 0.02 6.26
C GLY A 9 0.10 0.17 7.53
N GLU A 10 0.09 -0.85 8.40
CA GLU A 10 0.89 -0.81 9.62
C GLU A 10 2.37 -0.67 9.32
N GLU A 11 2.82 -1.17 8.16
CA GLU A 11 4.23 -1.10 7.81
C GLU A 11 4.70 0.34 7.57
N LEU A 12 3.78 1.29 7.42
CA LEU A 12 4.16 2.69 7.31
C LEU A 12 4.53 3.32 8.64
N PHE A 13 4.48 2.55 9.74
CA PHE A 13 4.75 3.07 11.08
C PHE A 13 5.90 2.35 11.77
N THR A 14 6.67 1.53 11.03
CA THR A 14 7.75 0.78 11.66
C THR A 14 8.82 1.68 12.24
N GLY A 15 8.90 2.93 11.80
CA GLY A 15 9.90 3.86 12.30
C GLY A 15 9.31 5.19 12.72
N VAL A 16 10.16 6.19 12.91
CA VAL A 16 9.72 7.52 13.33
C VAL A 16 9.10 8.23 12.12
N VAL A 17 7.92 8.80 12.32
CA VAL A 17 7.14 9.40 11.25
C VAL A 17 6.94 10.88 11.58
N PRO A 18 7.23 11.79 10.65
CA PRO A 18 6.89 13.20 10.90
C PRO A 18 5.39 13.42 10.97
N ILE A 19 4.97 14.30 11.88
CA ILE A 19 3.56 14.59 12.10
C ILE A 19 3.28 16.06 11.78
N LEU A 20 2.08 16.31 11.26
CA LEU A 20 1.60 17.67 11.01
C LEU A 20 0.16 17.75 11.45
N VAL A 21 -0.14 18.66 12.39
CA VAL A 21 -1.49 18.85 12.89
C VAL A 21 -1.94 20.25 12.51
N GLU A 22 -3.17 20.34 11.99
CA GLU A 22 -3.76 21.62 11.60
C GLU A 22 -5.20 21.64 12.07
N LEU A 23 -5.53 22.58 12.96
CA LEU A 23 -6.84 22.66 13.59
C LEU A 23 -7.39 24.08 13.43
N ASP A 24 -8.50 24.21 12.71
CA ASP A 24 -9.25 25.46 12.63
C ASP A 24 -10.45 25.33 13.56
N GLY A 25 -10.43 26.11 14.66
CA GLY A 25 -11.42 26.01 15.70
C GLY A 25 -12.36 27.21 15.72
N ASP A 26 -13.46 27.02 16.47
CA ASP A 26 -14.48 28.05 16.60
C ASP A 26 -15.35 27.68 17.81
N VAL A 27 -15.08 28.31 18.95
CA VAL A 27 -15.80 28.07 20.19
C VAL A 27 -16.54 29.35 20.55
N ASN A 28 -17.86 29.33 20.44
CA ASN A 28 -18.69 30.50 20.74
C ASN A 28 -18.24 31.71 19.93
N GLY A 29 -18.01 31.50 18.64
CA GLY A 29 -17.58 32.56 17.75
C GLY A 29 -16.15 33.02 17.92
N HIS A 30 -15.45 32.54 18.94
CA HIS A 30 -14.04 32.86 19.14
C HIS A 30 -13.22 31.98 18.21
N LYS A 31 -12.97 32.48 16.99
CA LYS A 31 -12.23 31.72 16.00
C LYS A 31 -10.74 31.73 16.30
N PHE A 32 -10.12 30.58 16.10
CA PHE A 32 -8.69 30.42 16.36
C PHE A 32 -8.18 29.29 15.49
N SER A 33 -6.85 29.21 15.36
CA SER A 33 -6.21 28.16 14.59
C SER A 33 -4.99 27.63 15.34
N VAL A 34 -4.77 26.33 15.22
CA VAL A 34 -3.63 25.67 15.85
C VAL A 34 -2.89 24.88 14.79
N SER A 35 -1.56 24.91 14.86
CA SER A 35 -0.70 24.08 14.01
C SER A 35 0.30 23.38 14.89
N GLY A 36 0.49 22.09 14.67
CA GLY A 36 1.44 21.31 15.44
C GLY A 36 2.32 20.49 14.54
N GLU A 37 3.52 20.17 15.05
CA GLU A 37 4.49 19.40 14.29
C GLU A 37 5.37 18.63 15.27
N GLY A 38 5.95 17.55 14.77
CA GLY A 38 6.79 16.68 15.56
C GLY A 38 6.88 15.31 14.94
N GLU A 39 7.00 14.30 15.79
CA GLU A 39 7.24 12.93 15.35
C GLU A 39 6.37 11.96 16.14
N GLY A 40 5.99 10.88 15.47
CA GLY A 40 5.31 9.76 16.11
C GLY A 40 6.07 8.48 15.85
N ASP A 41 6.10 7.60 16.85
CA ASP A 41 6.85 6.35 16.79
C ASP A 41 5.92 5.24 17.27
N ALA A 42 5.21 4.61 16.34
CA ALA A 42 4.20 3.61 16.71
C ALA A 42 4.83 2.40 17.39
N THR A 43 6.05 2.03 17.01
CA THR A 43 6.70 0.87 17.62
C THR A 43 6.68 0.95 19.14
N TYR A 44 6.80 2.17 19.67
CA TYR A 44 6.77 2.39 21.11
C TYR A 44 5.61 3.32 21.52
N GLY A 45 4.66 3.54 20.62
CA GLY A 45 3.51 4.38 20.95
C GLY A 45 3.87 5.74 21.51
N LYS A 46 4.90 6.37 20.98
CA LYS A 46 5.40 7.63 21.49
C LYS A 46 5.07 8.76 20.53
N LEU A 47 4.70 9.92 21.09
CA LEU A 47 4.49 11.14 20.33
C LEU A 47 5.34 12.25 20.92
N THR A 48 6.03 12.99 20.07
CA THR A 48 6.86 14.13 20.48
C THR A 48 6.45 15.31 19.61
N LEU A 49 5.53 16.13 20.13
CA LEU A 49 4.88 17.17 19.34
C LEU A 49 4.96 18.50 20.06
N LYS A 50 4.87 19.57 19.26
CA LYS A 50 4.74 20.93 19.79
C LYS A 50 3.70 21.66 18.95
N PHE A 51 2.78 22.34 19.62
CA PHE A 51 1.67 23.02 18.97
C PHE A 51 1.78 24.52 19.18
N ILE A 52 1.21 25.27 18.25
CA ILE A 52 1.20 26.73 18.30
C ILE A 52 -0.18 27.22 17.90
N CYS A 53 -0.69 28.21 18.61
CA CYS A 53 -1.89 28.93 18.19
C CYS A 53 -1.45 29.99 17.19
N THR A 54 -1.67 29.72 15.90
CA THR A 54 -1.16 30.58 14.85
C THR A 54 -1.88 31.92 14.78
N THR A 55 -2.95 32.10 15.55
CA THR A 55 -3.74 33.32 15.50
C THR A 55 -3.68 34.12 16.79
N GLY A 56 -2.70 33.83 17.66
CA GLY A 56 -2.48 34.61 18.85
C GLY A 56 -2.83 33.88 20.13
N LYS A 57 -3.60 34.54 20.99
CA LYS A 57 -4.03 33.93 22.24
C LYS A 57 -5.09 32.87 21.96
N LEU A 58 -4.87 31.68 22.51
CA LEU A 58 -5.86 30.61 22.38
C LEU A 58 -7.05 30.91 23.29
N PRO A 59 -8.29 30.83 22.80
CA PRO A 59 -9.43 31.20 23.64
C PRO A 59 -9.83 30.13 24.64
N VAL A 60 -9.40 28.90 24.46
CA VAL A 60 -9.73 27.81 25.37
C VAL A 60 -8.43 27.25 25.92
N PRO A 61 -8.47 26.55 27.05
CA PRO A 61 -7.23 25.97 27.60
C PRO A 61 -6.69 24.88 26.69
N TRP A 62 -5.37 24.81 26.62
CA TRP A 62 -4.71 23.78 25.81
C TRP A 62 -5.12 22.35 26.18
N PRO A 63 -5.31 22.00 27.45
CA PRO A 63 -5.72 20.62 27.78
C PRO A 63 -6.94 20.13 27.02
N THR A 64 -7.93 20.99 26.78
CA THR A 64 -9.16 20.55 26.15
C THR A 64 -8.95 20.07 24.72
N LEU A 65 -7.86 20.51 24.07
CA LEU A 65 -7.60 20.17 22.67
C LEU A 65 -6.69 18.97 22.50
N VAL A 66 -6.12 18.44 23.57
CA VAL A 66 -5.16 17.34 23.45
C VAL A 66 -5.76 16.19 22.67
N THR A 67 -6.95 15.74 23.06
CA THR A 67 -7.60 14.63 22.37
C THR A 67 -7.84 14.96 20.91
N THR A 68 -8.37 16.15 20.64
CA THR A 68 -8.62 16.55 19.25
C THR A 68 -7.31 16.66 18.49
N LEU A 69 -6.29 17.22 19.11
CA LEU A 69 -4.99 17.38 18.46
C LEU A 69 -4.26 16.05 18.32
N1 CRO A 70 -4.04 15.26 19.30
CA1 CRO A 70 -3.56 13.89 19.21
CB1 CRO A 70 -2.42 13.64 20.20
CG1 CRO A 70 -1.23 14.54 19.84
OG1 CRO A 70 -2.81 13.92 21.51
C1 CRO A 70 -4.70 12.94 19.55
N2 CRO A 70 -4.95 12.40 20.84
N3 CRO A 70 -5.66 12.47 18.56
C2 CRO A 70 -6.57 11.58 19.31
O2 CRO A 70 -7.50 10.99 18.88
CA2 CRO A 70 -6.09 11.54 20.78
CA3 CRO A 70 -5.70 12.84 17.16
C3 CRO A 70 -5.23 11.70 16.27
O3 CRO A 70 -5.69 11.63 15.09
CB2 CRO A 70 -6.65 10.84 21.75
CG2 CRO A 70 -6.18 10.87 23.21
CD1 CRO A 70 -6.89 10.11 24.14
CD2 CRO A 70 -5.08 11.59 23.64
CE1 CRO A 70 -6.51 10.09 25.47
CE2 CRO A 70 -4.70 11.57 24.97
CZ CRO A 70 -5.42 10.81 25.89
OH CRO A 70 -5.03 10.79 27.24
H CRO A 70 -3.53 15.72 19.86
HA1 CRO A 70 -3.25 13.71 18.32
HB1 CRO A 70 -2.14 12.72 20.14
HG11 CRO A 70 -0.41 14.14 20.17
HG12 CRO A 70 -1.18 14.63 18.87
HG13 CRO A 70 -1.35 15.41 20.24
HOG1 CRO A 70 -2.29 13.53 22.05
HA31 CRO A 70 -6.61 13.08 16.92
HA32 CRO A 70 -5.12 13.61 17.01
HB2 CRO A 70 -7.38 10.31 21.53
HD1 CRO A 70 -7.63 9.61 23.86
HD2 CRO A 70 -4.59 12.11 23.03
HE1 CRO A 70 -6.99 9.57 26.08
HE2 CRO A 70 -3.97 12.06 25.25
HOH CRO A 70 -5.71 10.61 27.72
N VAL A 71 -4.18 11.44 16.50
CA VAL A 71 -3.36 10.49 15.77
C VAL A 71 -3.19 9.19 16.56
N GLN A 72 -4.33 8.54 16.84
CA GLN A 72 -4.31 7.26 17.54
C GLN A 72 -3.70 6.14 16.69
N CYS A 73 -3.37 6.42 15.43
CA CYS A 73 -2.61 5.48 14.61
C CYS A 73 -1.21 5.26 15.14
N PHE A 74 -0.72 6.16 15.99
CA PHE A 74 0.57 6.00 16.64
C PHE A 74 0.47 5.33 17.99
N SER A 75 -0.63 4.62 18.25
CA SER A 75 -0.76 3.87 19.49
C SER A 75 -0.01 2.55 19.39
N ARG A 76 0.70 2.19 20.47
CA ARG A 76 1.47 0.95 20.48
C ARG A 76 0.52 -0.24 20.50
N TYR A 77 0.41 -0.92 19.37
CA TYR A 77 -0.34 -2.17 19.30
C TYR A 77 0.65 -3.31 19.32
N PRO A 78 0.78 -4.07 20.42
CA PRO A 78 1.78 -5.15 20.44
C PRO A 78 1.46 -6.22 19.41
N ASP A 79 2.46 -7.05 19.13
CA ASP A 79 2.37 -8.01 18.03
C ASP A 79 1.15 -8.92 18.17
N HIS A 80 0.78 -9.28 19.40
CA HIS A 80 -0.38 -10.14 19.62
C HIS A 80 -1.70 -9.38 19.47
N MET A 81 -1.66 -8.12 19.04
CA MET A 81 -2.87 -7.36 18.75
C MET A 81 -2.79 -6.67 17.38
N LYS A 82 -1.87 -7.12 16.52
CA LYS A 82 -1.79 -6.56 15.17
C LYS A 82 -3.14 -6.62 14.47
N GLN A 83 -3.90 -7.69 14.71
CA GLN A 83 -5.20 -7.86 14.05
C GLN A 83 -6.20 -6.78 14.43
N HIS A 84 -5.94 -6.00 15.48
CA HIS A 84 -6.92 -5.08 16.04
C HIS A 84 -6.47 -3.63 15.95
N ASP A 85 -5.65 -3.29 14.95
CA ASP A 85 -5.17 -1.92 14.74
C ASP A 85 -5.89 -1.36 13.52
N PHE A 86 -7.10 -0.85 13.74
CA PHE A 86 -7.86 -0.24 12.66
C PHE A 86 -7.17 1.02 12.14
N PHE A 87 -6.61 1.82 13.04
CA PHE A 87 -6.04 3.11 12.67
C PHE A 87 -5.00 2.95 11.57
N LYS A 88 -3.95 2.17 11.84
CA LYS A 88 -2.92 1.93 10.83
C LYS A 88 -3.50 1.19 9.62
N SER A 89 -4.55 0.40 9.82
CA SER A 89 -5.11 -0.39 8.74
C SER A 89 -5.78 0.46 7.67
N ALA A 90 -6.16 1.69 8.01
CA ALA A 90 -6.80 2.59 7.05
C ALA A 90 -5.81 3.49 6.33
N MET A 91 -4.52 3.25 6.47
CA MET A 91 -3.49 4.08 5.87
C MET A 91 -3.03 3.49 4.55
N PRO A 92 -2.44 4.31 3.66
CA PRO A 92 -2.18 5.75 3.82
C PRO A 92 -3.39 6.64 3.50
N GLU A 93 -4.41 6.10 2.85
CA GLU A 93 -5.59 6.90 2.55
C GLU A 93 -6.18 7.52 3.81
N GLY A 94 -6.05 6.84 4.95
CA GLY A 94 -6.45 7.41 6.21
C GLY A 94 -7.90 7.15 6.57
N TYR A 95 -8.31 7.78 7.67
CA TYR A 95 -9.65 7.63 8.19
C TYR A 95 -10.18 8.98 8.66
N VAL A 96 -11.51 9.08 8.70
CA VAL A 96 -12.19 10.22 9.30
C VAL A 96 -12.33 9.95 10.79
N GLN A 97 -12.16 10.97 11.61
CA GLN A 97 -12.32 10.87 13.06
C GLN A 97 -13.27 11.98 13.52
N GLU A 98 -14.49 11.60 13.88
CA GLU A 98 -15.49 12.54 14.35
C GLU A 98 -15.75 12.32 15.84
N ARG A 99 -15.86 13.42 16.58
CA ARG A 99 -16.09 13.35 18.01
C ARG A 99 -17.15 14.36 18.42
N THR A 100 -17.77 14.09 19.57
CA THR A 100 -18.57 15.06 20.29
C THR A 100 -18.14 14.99 21.74
N ILE A 101 -17.54 16.06 22.25
CA ILE A 101 -16.99 16.10 23.59
C ILE A 101 -17.94 16.93 24.45
N PHE A 102 -18.64 16.25 25.37
CA PHE A 102 -19.55 16.92 26.29
C PHE A 102 -18.83 17.21 27.60
N PHE A 103 -18.73 18.48 27.96
CA PHE A 103 -18.21 18.89 29.25
C PHE A 103 -19.36 19.03 30.23
N LYS A 104 -19.18 18.49 31.44
CA LYS A 104 -20.24 18.52 32.43
C LYS A 104 -20.54 19.95 32.86
N ASP A 105 -21.81 20.33 32.81
CA ASP A 105 -22.25 21.67 33.23
C ASP A 105 -21.63 22.76 32.36
N ASP A 106 -21.49 22.48 31.07
CA ASP A 106 -20.86 23.43 30.16
C ASP A 106 -21.17 22.99 28.73
N GLY A 107 -20.54 23.66 27.75
CA GLY A 107 -20.78 23.37 26.35
C GLY A 107 -20.05 22.13 25.90
N ASN A 108 -20.04 21.92 24.58
CA ASN A 108 -19.45 20.74 23.98
C ASN A 108 -18.68 21.12 22.73
N TYR A 109 -17.61 20.36 22.46
CA TYR A 109 -16.90 20.42 21.19
C TYR A 109 -17.51 19.44 20.19
N LYS A 110 -17.31 19.74 18.91
CA LYS A 110 -17.66 18.84 17.83
C LYS A 110 -16.55 18.92 16.79
N THR A 111 -15.91 17.78 16.52
CA THR A 111 -14.72 17.73 15.70
C THR A 111 -14.90 16.76 14.55
N ARG A 112 -14.33 17.12 13.40
CA ARG A 112 -14.21 16.21 12.26
C ARG A 112 -12.77 16.29 11.78
N ALA A 113 -12.04 15.18 11.86
CA ALA A 113 -10.64 15.14 11.48
C ALA A 113 -10.45 14.15 10.33
N GLU A 114 -9.53 14.48 9.44
CA GLU A 114 -9.11 13.58 8.36
C GLU A 114 -7.64 13.28 8.59
N VAL A 115 -7.37 12.11 9.16
CA VAL A 115 -6.01 11.68 9.50
C VAL A 115 -5.52 10.79 8.37
N LYS A 116 -4.48 11.25 7.66
CA LYS A 116 -4.01 10.54 6.48
C LYS A 116 -2.57 10.95 6.20
N PHE A 117 -1.96 10.27 5.23
CA PHE A 117 -0.60 10.54 4.81
C PHE A 117 -0.59 11.50 3.63
N GLU A 118 0.26 12.52 3.72
CA GLU A 118 0.53 13.44 2.62
C GLU A 118 2.03 13.39 2.39
N GLY A 119 2.46 12.51 1.50
CA GLY A 119 3.86 12.17 1.38
C GLY A 119 4.27 11.24 2.50
N ASP A 120 5.41 11.54 3.15
CA ASP A 120 5.90 10.74 4.26
C ASP A 120 5.47 11.32 5.61
N THR A 121 4.50 12.22 5.63
CA THR A 121 4.06 12.89 6.84
C THR A 121 2.61 12.50 7.14
N LEU A 122 2.37 12.06 8.38
CA LEU A 122 1.02 11.77 8.83
C LEU A 122 0.37 13.06 9.31
N VAL A 123 -0.68 13.49 8.61
CA VAL A 123 -1.29 14.80 8.84
C VAL A 123 -2.66 14.60 9.48
N ASN A 124 -2.91 15.35 10.56
CA ASN A 124 -4.21 15.38 11.22
C ASN A 124 -4.82 16.76 10.99
N ARG A 125 -5.74 16.85 10.03
CA ARG A 125 -6.39 18.10 9.67
C ARG A 125 -7.78 18.12 10.27
N ILE A 126 -8.05 19.12 11.12
CA ILE A 126 -9.22 19.10 11.99
C ILE A 126 -10.07 20.34 11.76
N GLU A 127 -11.37 20.20 12.03
CA GLU A 127 -12.31 21.31 12.07
C GLU A 127 -13.14 21.19 13.34
N LEU A 128 -13.00 22.15 14.24
CA LEU A 128 -13.62 22.08 15.56
C LEU A 128 -14.66 23.19 15.70
N LYS A 129 -15.77 22.86 16.37
CA LYS A 129 -16.83 23.82 16.64
C LYS A 129 -17.36 23.58 18.05
N GLY A 130 -17.26 24.60 18.90
CA GLY A 130 -17.76 24.53 20.27
C GLY A 130 -18.97 25.44 20.41
N ILE A 131 -19.96 24.98 21.19
CA ILE A 131 -21.21 25.69 21.36
C ILE A 131 -21.66 25.61 22.82
N ASP A 132 -22.57 26.51 23.19
CA ASP A 132 -23.23 26.48 24.50
C ASP A 132 -22.23 26.61 25.65
N PHE A 133 -21.09 27.22 25.41
CA PHE A 133 -20.08 27.38 26.45
C PHE A 133 -20.36 28.65 27.26
N LYS A 134 -19.98 28.59 28.54
CA LYS A 134 -20.23 29.66 29.48
C LYS A 134 -18.98 30.52 29.61
N GLU A 135 -19.14 31.85 29.45
CA GLU A 135 -17.99 32.74 29.36
C GLU A 135 -17.15 32.71 30.63
N ASP A 136 -17.75 32.37 31.77
CA ASP A 136 -17.01 32.21 33.02
C ASP A 136 -16.95 30.74 33.46
N GLY A 137 -17.14 29.82 32.52
CA GLY A 137 -17.00 28.41 32.80
C GLY A 137 -15.54 27.99 32.85
N ASN A 138 -15.34 26.69 33.08
CA ASN A 138 -13.99 26.16 33.19
C ASN A 138 -13.19 26.29 31.90
N ILE A 139 -13.86 26.39 30.76
CA ILE A 139 -13.18 26.44 29.46
C ILE A 139 -12.92 27.90 29.10
N LEU A 140 -13.97 28.63 28.74
CA LEU A 140 -13.79 30.01 28.29
C LEU A 140 -13.25 30.91 29.39
N GLY A 141 -13.39 30.52 30.65
CA GLY A 141 -12.85 31.26 31.76
C GLY A 141 -11.44 30.87 32.16
N HIS A 142 -10.88 29.83 31.53
CA HIS A 142 -9.50 29.41 31.77
C HIS A 142 -9.28 29.11 33.26
N LYS A 143 -9.94 28.04 33.70
CA LYS A 143 -9.75 27.50 35.04
C LYS A 143 -9.12 26.11 35.03
N LEU A 144 -9.00 25.48 33.87
CA LEU A 144 -8.33 24.18 33.79
C LEU A 144 -6.83 24.37 33.99
N GLU A 145 -6.25 23.52 34.84
CA GLU A 145 -4.81 23.54 35.03
C GLU A 145 -4.10 23.04 33.79
N TYR A 146 -2.85 23.48 33.61
CA TYR A 146 -2.06 23.08 32.44
C TYR A 146 -1.33 21.76 32.73
N ASN A 147 -2.13 20.72 32.93
CA ASN A 147 -1.62 19.36 33.10
C ASN A 147 -2.57 18.41 32.39
N TYR A 148 -2.29 17.11 32.51
CA TYR A 148 -3.12 16.11 31.86
C TYR A 148 -3.06 14.83 32.69
N ASN A 149 -4.06 13.97 32.48
CA ASN A 149 -4.24 12.76 33.24
C ASN A 149 -4.10 11.54 32.34
N SER A 150 -3.86 10.38 32.97
CA SER A 150 -3.88 9.11 32.28
C SER A 150 -5.33 8.64 32.14
N HIS A 151 -5.65 8.12 30.95
CA HIS A 151 -7.02 7.72 30.66
C HIS A 151 -7.01 6.36 29.97
N ASN A 152 -8.14 5.67 30.07
CA ASN A 152 -8.38 4.43 29.36
C ASN A 152 -9.36 4.70 28.22
N VAL A 153 -8.98 4.32 27.00
CA VAL A 153 -9.74 4.63 25.81
C VAL A 153 -10.31 3.32 25.28
N TYR A 154 -11.64 3.19 25.35
CA TYR A 154 -12.31 1.94 25.00
C TYR A 154 -12.74 1.97 23.54
N ILE A 155 -12.30 0.96 22.79
CA ILE A 155 -12.51 0.90 21.34
C ILE A 155 -13.44 -0.26 21.02
N MET A 156 -14.33 -0.05 20.06
CA MET A 156 -15.30 -1.05 19.64
C MET A 156 -15.47 -0.96 18.14
N ALA A 157 -15.65 -2.11 17.48
CA ALA A 157 -16.00 -2.11 16.07
C ALA A 157 -17.38 -1.48 15.89
N ASP A 158 -17.60 -0.92 14.70
CA ASP A 158 -18.80 -0.11 14.47
C ASP A 158 -20.05 -0.93 14.74
N LYS A 159 -21.18 -0.22 14.91
CA LYS A 159 -22.43 -0.89 15.20
C LYS A 159 -22.79 -1.91 14.12
N GLN A 160 -22.32 -1.72 12.89
CA GLN A 160 -22.48 -2.74 11.85
C GLN A 160 -21.39 -2.61 10.79
N LYS A 161 -20.12 -2.73 11.21
CA LYS A 161 -19.04 -3.26 10.37
C LYS A 161 -18.76 -2.37 9.17
N ASN A 162 -18.29 -1.17 9.47
CA ASN A 162 -17.57 -0.39 8.48
C ASN A 162 -16.33 0.27 9.06
N GLY A 163 -16.42 0.81 10.27
CA GLY A 163 -15.27 1.36 10.96
C GLY A 163 -15.25 0.97 12.42
N ILE A 164 -14.94 1.92 13.29
CA ILE A 164 -14.91 1.67 14.73
C ILE A 164 -15.62 2.80 15.46
N LYS A 165 -15.89 2.56 16.73
CA LYS A 165 -16.38 3.59 17.64
C LYS A 165 -15.51 3.58 18.88
N VAL A 166 -15.36 4.75 19.50
CA VAL A 166 -14.48 4.91 20.65
C VAL A 166 -15.16 5.82 21.65
N ASN A 167 -15.16 5.40 22.92
CA ASN A 167 -15.69 6.21 24.02
C ASN A 167 -14.69 6.21 25.17
N PHE A 168 -14.64 7.35 25.87
CA PHE A 168 -13.81 7.49 27.05
C PHE A 168 -14.11 8.83 27.70
N LYS A 169 -13.81 8.92 28.99
CA LYS A 169 -14.11 10.10 29.79
C LYS A 169 -12.80 10.76 30.18
N ILE A 170 -12.52 11.92 29.59
CA ILE A 170 -11.35 12.72 29.98
C ILE A 170 -11.69 13.49 31.25
N ARG A 171 -10.65 13.76 32.04
CA ARG A 171 -10.79 14.36 33.36
C ARG A 171 -9.77 15.50 33.48
N HIS A 172 -10.20 16.72 33.17
CA HIS A 172 -9.34 17.88 33.30
C HIS A 172 -9.34 18.37 34.74
N ASN A 173 -8.15 18.60 35.30
CA ASN A 173 -8.03 19.13 36.64
C ASN A 173 -8.36 20.62 36.66
N ILE A 174 -8.98 21.06 37.74
CA ILE A 174 -9.39 22.44 37.92
C ILE A 174 -8.54 23.07 39.02
N GLU A 175 -8.28 24.37 38.88
CA GLU A 175 -7.35 25.04 39.78
C GLU A 175 -7.72 24.84 41.24
N ASP A 176 -9.01 24.86 41.56
CA ASP A 176 -9.47 24.84 42.94
C ASP A 176 -9.68 23.43 43.48
N GLY A 177 -9.27 22.40 42.76
CA GLY A 177 -9.32 21.05 43.28
C GLY A 177 -10.26 20.12 42.54
N SER A 178 -11.44 20.59 42.17
CA SER A 178 -12.44 19.76 41.52
C SER A 178 -11.93 19.25 40.18
N VAL A 179 -12.80 18.60 39.42
CA VAL A 179 -12.43 18.00 38.13
C VAL A 179 -13.54 18.29 37.13
N GLN A 180 -13.13 18.61 35.90
CA GLN A 180 -14.05 18.83 34.80
C GLN A 180 -14.00 17.61 33.88
N LEU A 181 -15.07 16.83 33.88
CA LEU A 181 -15.14 15.66 33.01
C LEU A 181 -15.43 16.09 31.58
N ALA A 182 -15.16 15.17 30.65
CA ALA A 182 -15.38 15.45 29.23
C ALA A 182 -15.68 14.12 28.55
N ASP A 183 -16.97 13.82 28.37
CA ASP A 183 -17.37 12.58 27.70
C ASP A 183 -17.06 12.66 26.22
N HIS A 184 -16.19 11.76 25.74
CA HIS A 184 -15.84 11.68 24.33
C HIS A 184 -16.63 10.55 23.68
N TYR A 185 -17.37 10.89 22.63
CA TYR A 185 -18.13 9.91 21.84
C TYR A 185 -17.54 9.94 20.43
N GLN A 186 -16.47 9.20 20.26
CA GLN A 186 -15.67 9.22 19.04
C GLN A 186 -16.18 8.20 18.04
N GLN A 187 -15.88 8.46 16.76
CA GLN A 187 -16.39 7.62 15.68
C GLN A 187 -15.44 7.77 14.50
N ASN A 188 -14.72 6.71 14.17
CA ASN A 188 -13.75 6.73 13.08
C ASN A 188 -14.26 5.87 11.93
N THR A 189 -14.00 6.33 10.71
CA THR A 189 -14.41 5.60 9.51
C THR A 189 -13.32 5.79 8.46
N PRO A 190 -12.99 4.75 7.71
CA PRO A 190 -11.91 4.87 6.72
C PRO A 190 -12.32 5.74 5.54
N ILE A 191 -11.33 6.43 4.98
CA ILE A 191 -11.57 7.25 3.79
C ILE A 191 -11.54 6.37 2.54
N GLY A 192 -10.48 5.60 2.37
CA GLY A 192 -10.33 4.76 1.20
C GLY A 192 -11.30 3.60 1.20
N ASP A 193 -11.35 2.92 0.05
CA ASP A 193 -12.22 1.76 -0.12
C ASP A 193 -11.53 0.45 0.20
N GLY A 194 -10.21 0.46 0.41
CA GLY A 194 -9.46 -0.75 0.69
C GLY A 194 -9.89 -1.41 1.98
N PRO A 195 -9.29 -2.56 2.27
CA PRO A 195 -9.69 -3.31 3.47
C PRO A 195 -9.15 -2.68 4.74
N VAL A 196 -9.90 -2.89 5.83
CA VAL A 196 -9.53 -2.39 7.15
C VAL A 196 -9.76 -3.48 8.18
N LEU A 197 -9.06 -3.35 9.31
CA LEU A 197 -9.15 -4.31 10.40
C LEU A 197 -10.22 -3.84 11.38
N LEU A 198 -11.30 -4.60 11.49
CA LEU A 198 -12.35 -4.30 12.47
C LEU A 198 -12.01 -5.05 13.76
N PRO A 199 -11.65 -4.37 14.84
CA PRO A 199 -11.09 -5.07 16.00
C PRO A 199 -12.16 -5.57 16.97
N ASP A 200 -11.72 -6.47 17.84
CA ASP A 200 -12.51 -6.85 19.00
C ASP A 200 -12.40 -5.78 20.08
N ASN A 201 -13.28 -5.86 21.06
CA ASN A 201 -13.30 -4.87 22.13
C ASN A 201 -11.97 -4.88 22.88
N HIS A 202 -11.37 -3.71 23.03
CA HIS A 202 -10.12 -3.55 23.74
C HIS A 202 -10.01 -2.11 24.21
N TYR A 203 -8.87 -1.76 24.79
CA TYR A 203 -8.67 -0.42 25.32
C TYR A 203 -7.23 0.02 25.06
N LEU A 204 -7.05 1.35 25.05
CA LEU A 204 -5.73 1.97 25.01
C LEU A 204 -5.45 2.62 26.36
N SER A 205 -4.21 2.51 26.82
CA SER A 205 -3.77 3.14 28.06
C SER A 205 -2.86 4.31 27.71
N THR A 206 -3.25 5.51 28.11
CA THR A 206 -2.63 6.74 27.64
C THR A 206 -1.83 7.41 28.75
N GLN A 207 -0.75 8.07 28.36
CA GLN A 207 0.03 8.95 29.22
C GLN A 207 0.33 10.23 28.43
N SER A 208 0.48 11.33 29.16
CA SER A 208 0.74 12.61 28.52
C SER A 208 1.46 13.54 29.48
N ALA A 209 2.22 14.48 28.92
CA ALA A 209 2.93 15.48 29.70
C ALA A 209 2.91 16.79 28.93
N LEU A 210 2.18 17.78 29.45
CA LEU A 210 2.15 19.11 28.86
C LEU A 210 3.23 19.97 29.49
N SER A 211 3.94 20.73 28.65
CA SER A 211 5.02 21.58 29.11
C SER A 211 5.09 22.81 28.23
N LYS A 212 6.06 23.67 28.52
CA LYS A 212 6.23 24.93 27.78
C LYS A 212 7.68 25.04 27.31
N ASP A 213 7.84 25.31 26.02
CA ASP A 213 9.15 25.68 25.47
C ASP A 213 9.53 27.06 25.99
N PRO A 214 10.60 27.20 26.78
CA PRO A 214 10.92 28.53 27.35
C PRO A 214 11.39 29.54 26.32
N ASN A 215 11.68 29.11 25.09
CA ASN A 215 12.05 30.02 24.02
C ASN A 215 10.91 30.33 23.07
N GLU A 216 9.72 29.77 23.32
CA GLU A 216 8.54 30.03 22.50
C GLU A 216 7.68 31.07 23.21
N LYS A 217 7.63 32.27 22.64
CA LYS A 217 6.84 33.36 23.21
C LYS A 217 5.38 33.30 22.78
N ARG A 218 5.03 32.46 21.81
CA ARG A 218 3.66 32.32 21.36
C ARG A 218 2.87 31.48 22.36
N ASP A 219 1.57 31.32 22.08
CA ASP A 219 0.73 30.41 22.83
C ASP A 219 0.92 29.02 22.24
N HIS A 220 1.48 28.10 23.03
CA HIS A 220 1.94 26.82 22.51
C HIS A 220 1.65 25.73 23.53
N MET A 221 1.85 24.48 23.10
CA MET A 221 1.74 23.33 23.99
C MET A 221 2.78 22.31 23.55
N VAL A 222 3.78 22.07 24.40
CA VAL A 222 4.72 20.97 24.16
C VAL A 222 4.11 19.71 24.73
N LEU A 223 3.89 18.72 23.88
CA LEU A 223 3.22 17.49 24.26
C LEU A 223 4.14 16.29 24.11
N LEU A 224 4.25 15.50 25.18
CA LEU A 224 4.85 14.18 25.14
C LEU A 224 3.76 13.18 25.55
N GLU A 225 3.54 12.17 24.72
CA GLU A 225 2.40 11.28 24.89
C GLU A 225 2.79 9.84 24.60
N PHE A 226 2.50 8.95 25.54
CA PHE A 226 2.70 7.52 25.37
C PHE A 226 1.33 6.82 25.40
N VAL A 227 1.09 5.96 24.40
CA VAL A 227 -0.16 5.22 24.30
C VAL A 227 0.16 3.79 23.90
N THR A 228 -0.65 2.85 24.39
CA THR A 228 -0.50 1.45 24.04
C THR A 228 -1.85 0.75 24.15
N ALA A 229 -2.15 -0.11 23.18
CA ALA A 229 -3.35 -0.91 23.23
C ALA A 229 -3.14 -2.11 24.16
N ALA A 230 -4.26 -2.67 24.62
CA ALA A 230 -4.21 -3.81 25.54
C ALA A 230 -5.63 -4.36 25.68
N GLY A 231 -5.72 -5.56 26.25
CA GLY A 231 -6.98 -6.22 26.53
C GLY A 231 -7.24 -7.49 25.74
N ILE A 232 -6.29 -7.93 24.92
CA ILE A 232 -6.44 -9.15 24.13
C ILE A 232 -5.11 -9.90 24.17
N THR A 233 -5.16 -11.20 24.41
CA THR A 233 -3.97 -11.99 24.69
C THR A 233 -4.14 -13.40 24.15
N LEU A 234 -3.13 -14.24 24.41
CA LEU A 234 -3.13 -15.63 23.98
C LEU A 234 -3.38 -15.76 22.49
N ASP B 5 25.72 27.45 9.71
CA ASP B 5 25.26 26.30 8.95
C ASP B 5 25.83 25.00 9.51
N LEU B 6 26.86 25.10 10.35
CA LEU B 6 27.51 23.91 10.88
C LEU B 6 26.57 23.13 11.79
N GLY B 7 25.86 23.82 12.68
CA GLY B 7 24.96 23.14 13.59
C GLY B 7 23.96 22.26 12.86
N LYS B 8 23.33 22.81 11.81
CA LYS B 8 22.34 22.03 11.06
C LYS B 8 23.00 20.87 10.32
N LYS B 9 24.19 21.09 9.76
CA LYS B 9 24.90 20.02 9.07
C LYS B 9 25.36 18.94 10.06
N LEU B 10 25.86 19.36 11.22
CA LEU B 10 26.28 18.39 12.23
C LEU B 10 25.10 17.55 12.71
N LEU B 11 23.96 18.20 12.97
CA LEU B 11 22.75 17.46 13.32
C LEU B 11 22.35 16.51 12.20
N GLU B 12 22.43 16.98 10.95
CA GLU B 12 22.07 16.12 9.82
C GLU B 12 23.10 15.02 9.59
N ALA B 13 24.37 15.29 9.86
CA ALA B 13 25.38 14.25 9.72
C ALA B 13 25.21 13.18 10.80
N ALA B 14 25.02 13.62 12.05
CA ALA B 14 24.77 12.67 13.13
C ALA B 14 23.49 11.88 12.90
N ARG B 15 22.49 12.51 12.26
CA ARG B 15 21.25 11.80 11.96
C ARG B 15 21.48 10.76 10.87
N ALA B 16 22.02 11.20 9.73
CA ALA B 16 22.23 10.28 8.61
C ALA B 16 23.18 9.15 8.95
N GLY B 17 23.99 9.30 9.99
CA GLY B 17 25.00 8.34 10.32
C GLY B 17 26.33 8.56 9.64
N GLN B 18 26.55 9.72 9.03
CA GLN B 18 27.77 10.00 8.29
C GLN B 18 28.85 10.44 9.27
N ASP B 19 29.57 9.47 9.83
CA ASP B 19 30.72 9.79 10.65
C ASP B 19 31.80 10.50 9.84
N ASP B 20 31.73 10.42 8.51
CA ASP B 20 32.63 11.20 7.66
C ASP B 20 32.49 12.69 7.96
N GLU B 21 31.27 13.21 7.90
CA GLU B 21 31.07 14.65 8.03
C GLU B 21 31.23 15.12 9.47
N VAL B 22 30.94 14.25 10.45
CA VAL B 22 31.00 14.67 11.85
C VAL B 22 32.41 15.16 12.19
N ARG B 23 33.43 14.37 11.87
CA ARG B 23 34.79 14.78 12.19
C ARG B 23 35.26 15.91 11.29
N ILE B 24 34.74 15.99 10.06
CA ILE B 24 35.04 17.14 9.20
C ILE B 24 34.42 18.40 9.78
N LEU B 25 33.13 18.35 10.11
CA LEU B 25 32.44 19.51 10.67
C LEU B 25 33.01 19.91 12.02
N MET B 26 33.44 18.93 12.82
CA MET B 26 34.06 19.25 14.11
C MET B 26 35.47 19.79 13.92
N ALA B 27 36.16 19.35 12.88
CA ALA B 27 37.44 19.97 12.54
C ALA B 27 37.26 21.44 12.20
N ASN B 28 36.10 21.79 11.63
CA ASN B 28 35.72 23.19 11.48
C ASN B 28 35.19 23.68 12.82
N GLY B 29 34.43 24.77 12.82
CA GLY B 29 33.96 25.35 14.07
C GLY B 29 32.58 24.89 14.50
N ALA B 30 32.25 23.62 14.24
CA ALA B 30 30.93 23.11 14.60
C ALA B 30 30.83 22.89 16.09
N ASP B 31 29.78 23.44 16.70
CA ASP B 31 29.51 23.22 18.11
C ASP B 31 28.95 21.82 18.31
N VAL B 32 29.63 21.02 19.13
CA VAL B 32 29.16 19.65 19.39
C VAL B 32 27.84 19.66 20.13
N ASN B 33 27.54 20.74 20.87
CA ASN B 33 26.31 20.85 21.66
C ASN B 33 25.25 21.66 20.93
N ALA B 34 25.31 21.72 19.60
CA ALA B 34 24.28 22.41 18.84
C ALA B 34 22.91 21.79 19.12
N ALA B 35 21.89 22.64 19.16
CA ALA B 35 20.52 22.20 19.43
C ALA B 35 19.57 22.81 18.42
N ASP B 36 18.59 22.02 17.97
CA ASP B 36 17.65 22.45 16.97
C ASP B 36 16.47 23.17 17.63
N ASP B 37 15.38 23.37 16.86
CA ASP B 37 14.19 24.02 17.40
C ASP B 37 13.72 23.38 18.70
N VAL B 38 13.99 22.08 18.87
CA VAL B 38 13.33 21.26 19.86
C VAL B 38 14.27 20.82 20.98
N GLY B 39 15.55 21.14 20.90
CA GLY B 39 16.51 20.70 21.88
C GLY B 39 17.25 19.44 21.50
N VAL B 40 17.02 18.91 20.30
CA VAL B 40 17.76 17.75 19.83
C VAL B 40 19.17 18.17 19.46
N THR B 41 20.16 17.49 20.02
CA THR B 41 21.55 17.72 19.72
C THR B 41 22.11 16.55 18.92
N PRO B 42 23.29 16.72 18.30
CA PRO B 42 23.87 15.62 17.52
C PRO B 42 23.96 14.31 18.30
N LEU B 43 24.07 14.39 19.63
CA LEU B 43 24.15 13.18 20.44
C LEU B 43 22.80 12.49 20.57
N HIS B 44 21.70 13.24 20.63
CA HIS B 44 20.38 12.63 20.61
C HIS B 44 20.17 11.82 19.33
N LEU B 45 20.43 12.44 18.18
CA LEU B 45 20.20 11.79 16.91
C LEU B 45 21.11 10.57 16.74
N ALA B 46 22.38 10.70 17.14
CA ALA B 46 23.29 9.57 17.05
C ALA B 46 22.85 8.44 17.97
N ALA B 47 22.38 8.78 19.17
CA ALA B 47 21.93 7.76 20.11
C ALA B 47 20.66 7.07 19.61
N GLN B 48 19.65 7.87 19.23
CA GLN B 48 18.37 7.28 18.83
C GLN B 48 18.51 6.42 17.58
N ARG B 49 19.27 6.90 16.58
CA ARG B 49 19.36 6.24 15.29
C ARG B 49 20.53 5.25 15.20
N GLY B 50 20.98 4.72 16.34
CA GLY B 50 21.99 3.67 16.36
C GLY B 50 23.24 4.00 15.59
N HIS B 51 23.96 5.04 16.01
CA HIS B 51 25.20 5.46 15.38
C HIS B 51 26.27 5.50 16.47
N LEU B 52 26.86 4.33 16.74
CA LEU B 52 27.73 4.19 17.90
C LEU B 52 29.03 4.97 17.73
N GLU B 53 29.68 4.83 16.57
CA GLU B 53 30.92 5.57 16.33
C GLU B 53 30.71 7.07 16.52
N ILE B 54 29.57 7.58 16.07
CA ILE B 54 29.29 9.01 16.20
C ILE B 54 29.06 9.36 17.67
N VAL B 55 28.40 8.48 18.42
CA VAL B 55 28.22 8.71 19.85
C VAL B 55 29.57 8.83 20.53
N GLU B 56 30.45 7.85 20.30
CA GLU B 56 31.78 7.90 20.89
C GLU B 56 32.55 9.14 20.44
N VAL B 57 32.41 9.51 19.17
CA VAL B 57 33.10 10.70 18.67
C VAL B 57 32.55 11.95 19.35
N LEU B 58 31.22 12.10 19.38
CA LEU B 58 30.62 13.28 19.99
C LEU B 58 30.99 13.39 21.46
N LEU B 59 30.83 12.29 22.20
CA LEU B 59 31.19 12.31 23.61
C LEU B 59 32.66 12.66 23.81
N LYS B 60 33.53 12.10 22.98
CA LYS B 60 34.94 12.47 23.03
C LYS B 60 35.13 13.96 22.81
N TYR B 61 34.36 14.53 21.87
CA TYR B 61 34.44 15.96 21.57
C TYR B 61 33.77 16.84 22.62
N GLY B 62 33.25 16.26 23.69
CA GLY B 62 32.66 17.03 24.76
C GLY B 62 31.15 17.19 24.70
N ALA B 63 30.45 16.36 23.94
CA ALA B 63 29.00 16.43 23.89
C ALA B 63 28.41 16.25 25.28
N ASP B 64 27.41 17.06 25.60
CA ASP B 64 26.72 16.95 26.89
C ASP B 64 25.91 15.66 26.90
N VAL B 65 26.38 14.67 27.65
CA VAL B 65 25.72 13.36 27.68
C VAL B 65 24.31 13.46 28.24
N ASN B 66 24.01 14.50 29.02
CA ASN B 66 22.73 14.61 29.71
C ASN B 66 21.88 15.76 29.18
N ALA B 67 22.14 16.21 27.95
CA ALA B 67 21.30 17.24 27.34
C ALA B 67 19.86 16.73 27.22
N ALA B 68 18.91 17.60 27.51
CA ALA B 68 17.49 17.25 27.51
C ALA B 68 16.75 18.07 26.46
N ASP B 69 16.01 17.39 25.60
CA ASP B 69 15.21 18.07 24.59
C ASP B 69 13.99 18.69 25.27
N LEU B 70 13.05 19.19 24.47
CA LEU B 70 11.88 19.86 25.04
C LEU B 70 11.05 18.90 25.89
N TRP B 71 10.97 17.64 25.49
CA TRP B 71 10.21 16.64 26.24
C TRP B 71 11.03 15.97 27.33
N GLY B 72 12.11 16.59 27.78
CA GLY B 72 12.92 16.06 28.85
C GLY B 72 13.75 14.84 28.50
N GLN B 73 13.68 14.37 27.25
CA GLN B 73 14.40 13.17 26.87
C GLN B 73 15.89 13.47 26.69
N THR B 74 16.72 12.51 27.10
CA THR B 74 18.15 12.54 26.91
C THR B 74 18.55 11.52 25.86
N PRO B 75 19.79 11.56 25.38
CA PRO B 75 20.25 10.49 24.48
C PRO B 75 20.10 9.11 25.09
N LEU B 76 20.16 9.01 26.41
CA LEU B 76 19.95 7.73 27.07
C LEU B 76 18.49 7.30 26.98
N HIS B 77 17.56 8.24 27.21
CA HIS B 77 16.15 7.93 27.04
C HIS B 77 15.87 7.39 25.64
N LEU B 78 16.45 8.04 24.62
CA LEU B 78 16.21 7.62 23.25
C LEU B 78 16.92 6.31 22.94
N ALA B 79 18.14 6.14 23.45
CA ALA B 79 18.88 4.90 23.21
C ALA B 79 18.23 3.73 23.94
N ALA B 80 17.75 3.95 25.16
CA ALA B 80 17.07 2.89 25.89
C ALA B 80 15.79 2.46 25.18
N THR B 81 15.07 3.43 24.59
CA THR B 81 13.83 3.11 23.88
C THR B 81 14.13 2.45 22.54
N ALA B 82 15.01 3.07 21.75
CA ALA B 82 15.37 2.51 20.45
C ALA B 82 16.05 1.16 20.56
N GLY B 83 16.52 0.78 21.74
CA GLY B 83 17.14 -0.52 21.93
C GLY B 83 18.52 -0.63 21.34
N HIS B 84 19.40 0.30 21.71
CA HIS B 84 20.78 0.33 21.25
C HIS B 84 21.68 0.08 22.45
N LEU B 85 22.08 -1.18 22.63
CA LEU B 85 22.72 -1.61 23.88
C LEU B 85 24.08 -0.94 24.06
N GLU B 86 24.96 -1.06 23.07
CA GLU B 86 26.29 -0.49 23.22
C GLU B 86 26.23 1.01 23.48
N ILE B 87 25.35 1.72 22.76
CA ILE B 87 25.21 3.16 22.96
C ILE B 87 24.81 3.46 24.40
N VAL B 88 23.88 2.68 24.95
CA VAL B 88 23.49 2.86 26.34
C VAL B 88 24.70 2.68 27.26
N GLU B 89 25.44 1.60 27.07
CA GLU B 89 26.62 1.36 27.89
C GLU B 89 27.61 2.52 27.78
N VAL B 90 27.89 2.97 26.56
CA VAL B 90 28.83 4.07 26.37
C VAL B 90 28.31 5.32 27.08
N LEU B 91 27.05 5.68 26.84
CA LEU B 91 26.45 6.82 27.51
C LEU B 91 26.60 6.71 29.02
N LEU B 92 26.28 5.54 29.57
CA LEU B 92 26.43 5.33 31.01
C LEU B 92 27.90 5.38 31.42
N LYS B 93 28.79 4.90 30.55
CA LYS B 93 30.23 4.97 30.85
C LYS B 93 30.72 6.41 30.89
N ASN B 94 30.06 7.31 30.17
CA ASN B 94 30.50 8.71 30.06
C ASN B 94 29.69 9.65 30.93
N GLY B 95 29.02 9.13 31.97
CA GLY B 95 28.35 9.98 32.92
C GLY B 95 26.89 10.27 32.64
N ALA B 96 26.21 9.40 31.90
CA ALA B 96 24.79 9.59 31.65
C ALA B 96 23.99 9.32 32.92
N ASP B 97 23.12 10.27 33.28
CA ASP B 97 22.27 10.12 34.45
C ASP B 97 21.32 8.94 34.25
N VAL B 98 21.57 7.84 34.96
CA VAL B 98 20.78 6.63 34.74
C VAL B 98 19.32 6.82 35.12
N ASN B 99 19.01 7.83 35.92
CA ASN B 99 17.65 8.08 36.38
C ASN B 99 17.18 9.48 35.98
N ALA B 100 17.58 9.93 34.79
CA ALA B 100 17.02 11.16 34.24
C ALA B 100 15.54 10.97 33.92
N ARG B 101 14.78 12.06 34.03
CA ARG B 101 13.33 12.03 33.89
C ARG B 101 12.91 12.78 32.64
N ASP B 102 12.11 12.13 31.79
CA ASP B 102 11.43 12.84 30.73
C ASP B 102 10.22 13.57 31.31
N ASN B 103 9.44 14.21 30.44
CA ASN B 103 8.36 15.05 30.93
C ASN B 103 7.25 14.23 31.60
N ILE B 104 7.06 12.98 31.19
CA ILE B 104 6.11 12.10 31.89
C ILE B 104 6.72 11.52 33.16
N GLY B 105 8.01 11.71 33.39
CA GLY B 105 8.68 11.12 34.53
C GLY B 105 9.31 9.77 34.26
N HIS B 106 9.29 9.31 33.02
CA HIS B 106 9.95 8.06 32.68
C HIS B 106 11.45 8.16 32.93
N THR B 107 12.01 7.16 33.56
CA THR B 107 13.45 6.96 33.58
C THR B 107 13.86 6.11 32.40
N PRO B 108 15.15 6.04 32.08
CA PRO B 108 15.59 5.09 31.05
C PRO B 108 15.07 3.68 31.32
N LEU B 109 14.97 3.30 32.59
CA LEU B 109 14.50 1.96 32.93
C LEU B 109 13.04 1.77 32.52
N HIS B 110 12.18 2.77 32.83
CA HIS B 110 10.81 2.73 32.35
C HIS B 110 10.78 2.47 30.84
N LEU B 111 11.53 3.27 30.08
CA LEU B 111 11.48 3.17 28.62
C LEU B 111 11.96 1.81 28.14
N ALA B 112 13.06 1.31 28.68
CA ALA B 112 13.53 -0.02 28.33
C ALA B 112 12.47 -1.06 28.67
N ALA B 113 11.87 -0.97 29.84
CA ALA B 113 10.81 -1.90 30.22
C ALA B 113 9.57 -1.69 29.35
N TRP B 114 9.26 -0.44 29.02
CA TRP B 114 8.14 -0.17 28.11
C TRP B 114 8.41 -0.75 26.73
N ALA B 115 9.64 -0.64 26.24
CA ALA B 115 10.00 -1.01 24.88
C ALA B 115 10.38 -2.47 24.71
N GLY B 116 10.41 -3.24 25.79
CA GLY B 116 10.74 -4.66 25.68
C GLY B 116 12.20 -4.93 25.41
N HIS B 117 13.09 -4.17 26.03
CA HIS B 117 14.53 -4.30 25.81
C HIS B 117 15.15 -4.85 27.09
N LEU B 118 15.27 -6.17 27.16
CA LEU B 118 15.75 -6.83 28.38
C LEU B 118 17.20 -6.45 28.67
N GLU B 119 18.10 -6.65 27.69
CA GLU B 119 19.51 -6.39 27.93
C GLU B 119 19.75 -4.94 28.33
N ILE B 120 18.91 -4.01 27.87
CA ILE B 120 18.99 -2.63 28.36
C ILE B 120 18.61 -2.59 29.83
N VAL B 121 17.51 -3.25 30.20
CA VAL B 121 17.08 -3.29 31.59
C VAL B 121 18.20 -3.79 32.48
N GLU B 122 18.81 -4.91 32.10
CA GLU B 122 19.90 -5.48 32.89
C GLU B 122 21.03 -4.48 33.06
N VAL B 123 21.44 -3.83 31.96
CA VAL B 123 22.51 -2.84 32.02
C VAL B 123 22.12 -1.69 32.94
N LEU B 124 20.94 -1.12 32.72
CA LEU B 124 20.51 0.02 33.54
C LEU B 124 20.49 -0.35 35.02
N LEU B 125 19.97 -1.53 35.34
CA LEU B 125 20.02 -2.00 36.73
C LEU B 125 21.46 -2.04 37.24
N LYS B 126 22.37 -2.58 36.43
CA LYS B 126 23.75 -2.71 36.86
C LYS B 126 24.41 -1.35 37.09
N TYR B 127 24.02 -0.34 36.33
CA TYR B 127 24.57 1.00 36.48
C TYR B 127 23.81 1.86 37.49
N GLY B 128 22.89 1.27 38.24
CA GLY B 128 22.24 1.94 39.35
C GLY B 128 20.83 2.44 39.10
N ALA B 129 20.10 1.85 38.14
CA ALA B 129 18.74 2.28 37.88
C ALA B 129 17.85 1.99 39.09
N ASP B 130 17.03 2.98 39.46
CA ASP B 130 16.12 2.83 40.58
C ASP B 130 14.92 2.00 40.15
N VAL B 131 14.87 0.74 40.59
CA VAL B 131 13.79 -0.15 40.19
C VAL B 131 12.45 0.31 40.76
N ASN B 132 12.47 1.14 41.81
CA ASN B 132 11.24 1.63 42.42
C ASN B 132 10.82 3.00 41.89
N ALA B 133 11.51 3.55 40.90
CA ALA B 133 11.14 4.85 40.37
C ALA B 133 9.74 4.81 39.76
N GLN B 134 8.99 5.87 40.02
CA GLN B 134 7.63 6.02 39.48
C GLN B 134 7.60 7.22 38.53
N ASP B 135 7.00 7.04 37.37
CA ASP B 135 6.68 8.18 36.52
C ASP B 135 5.59 9.02 37.19
N LYS B 136 5.20 10.10 36.55
CA LYS B 136 4.22 10.99 37.17
C LYS B 136 2.80 10.45 37.09
N PHE B 137 2.62 9.20 36.64
CA PHE B 137 1.35 8.52 36.71
C PHE B 137 1.40 7.30 37.61
N GLY B 138 2.44 7.17 38.44
CA GLY B 138 2.52 6.13 39.43
C GLY B 138 3.07 4.80 38.94
N LYS B 139 3.38 4.67 37.66
CA LYS B 139 3.84 3.40 37.12
C LYS B 139 5.33 3.22 37.34
N THR B 140 5.70 2.07 37.91
CA THR B 140 7.09 1.65 37.97
C THR B 140 7.47 0.93 36.68
N PRO B 141 8.76 0.79 36.41
CA PRO B 141 9.17 0.02 35.22
C PRO B 141 8.56 -1.37 35.20
N PHE B 142 8.37 -1.98 36.36
CA PHE B 142 7.67 -3.25 36.44
C PHE B 142 6.25 -3.11 35.88
N ASP B 143 5.47 -2.17 36.42
CA ASP B 143 4.10 -2.00 35.98
C ASP B 143 4.04 -1.78 34.47
N LEU B 144 4.94 -0.94 33.93
CA LEU B 144 4.96 -0.72 32.49
C LEU B 144 5.25 -2.01 31.74
N ALA B 145 6.21 -2.81 32.23
CA ALA B 145 6.46 -4.11 31.62
C ALA B 145 5.22 -4.98 31.68
N ILE B 146 4.53 -4.98 32.82
CA ILE B 146 3.31 -5.79 32.97
C ILE B 146 2.28 -5.39 31.93
N ASP B 147 1.96 -4.09 31.87
CA ASP B 147 0.91 -3.62 30.98
C ASP B 147 1.23 -3.82 29.51
N ASN B 148 2.48 -4.12 29.16
CA ASN B 148 2.87 -4.31 27.77
C ASN B 148 3.20 -5.76 27.44
N GLY B 149 3.03 -6.69 28.37
CA GLY B 149 3.27 -8.09 28.10
C GLY B 149 4.73 -8.49 28.08
N ASN B 150 5.61 -7.69 28.69
CA ASN B 150 7.03 -8.02 28.76
C ASN B 150 7.26 -8.85 30.03
N GLU B 151 7.00 -10.15 29.90
CA GLU B 151 7.03 -11.03 31.06
C GLU B 151 8.43 -11.15 31.64
N ASP B 152 9.41 -11.49 30.81
CA ASP B 152 10.77 -11.66 31.30
C ASP B 152 11.26 -10.42 32.01
N ILE B 153 10.99 -9.24 31.44
CA ILE B 153 11.40 -7.99 32.08
C ILE B 153 10.68 -7.81 33.40
N ALA B 154 9.37 -8.07 33.43
CA ALA B 154 8.63 -8.00 34.68
C ALA B 154 9.19 -8.99 35.69
N GLU B 155 9.55 -10.19 35.24
CA GLU B 155 10.14 -11.18 36.12
C GLU B 155 11.49 -10.70 36.65
N VAL B 156 12.29 -10.05 35.80
CA VAL B 156 13.59 -9.57 36.22
C VAL B 156 13.43 -8.37 37.14
N LEU B 157 12.49 -7.48 36.84
CA LEU B 157 12.29 -6.30 37.68
C LEU B 157 11.75 -6.67 39.05
N GLN B 158 10.75 -7.57 39.09
CA GLN B 158 10.24 -8.00 40.38
C GLN B 158 11.33 -8.66 41.22
N LYS B 159 12.12 -9.53 40.59
CA LYS B 159 13.24 -10.14 41.31
C LYS B 159 14.20 -9.08 41.81
N ALA B 160 14.53 -8.09 40.97
CA ALA B 160 15.34 -6.96 41.42
C ALA B 160 14.76 -6.30 42.67
N ALA B 161 13.47 -6.48 42.93
CA ALA B 161 12.86 -6.04 44.18
C ALA B 161 13.11 -4.57 44.46
N ASP B 169 0.13 -6.26 47.26
CA ASP B 169 -1.25 -5.89 47.51
C ASP B 169 -2.12 -6.25 46.31
N VAL B 170 -3.03 -7.22 46.51
CA VAL B 170 -3.95 -7.62 45.45
C VAL B 170 -5.01 -6.56 45.19
N ASN B 171 -5.13 -5.56 46.05
CA ASN B 171 -6.06 -4.46 45.86
C ASN B 171 -5.37 -3.17 45.45
N ALA B 172 -4.09 -3.24 45.05
CA ALA B 172 -3.39 -2.08 44.55
C ALA B 172 -4.19 -1.45 43.41
N TYR B 173 -4.12 -0.12 43.31
CA TYR B 173 -4.85 0.60 42.27
C TYR B 173 -3.99 1.74 41.75
N ASP B 174 -3.90 1.83 40.42
CA ASP B 174 -3.10 2.86 39.76
C ASP B 174 -3.89 4.17 39.72
N GLU B 175 -3.39 5.14 38.96
CA GLU B 175 -4.00 6.48 38.95
C GLU B 175 -5.33 6.54 38.22
N VAL B 176 -5.70 5.49 37.46
CA VAL B 176 -7.03 5.40 36.88
C VAL B 176 -7.92 4.45 37.66
N GLY B 177 -7.49 4.02 38.84
CA GLY B 177 -8.31 3.18 39.69
C GLY B 177 -8.34 1.71 39.33
N TRP B 178 -7.50 1.26 38.42
CA TRP B 178 -7.51 -0.13 37.99
C TRP B 178 -6.69 -0.99 38.95
N THR B 179 -7.32 -2.04 39.45
CA THR B 179 -6.68 -3.04 40.29
C THR B 179 -6.26 -4.23 39.45
N PRO B 180 -5.46 -5.15 40.01
CA PRO B 180 -5.11 -6.35 39.24
C PRO B 180 -6.32 -7.08 38.71
N LEU B 181 -7.46 -6.98 39.40
CA LEU B 181 -8.67 -7.64 38.95
C LEU B 181 -9.24 -6.97 37.70
N HIS B 182 -9.09 -5.65 37.56
CA HIS B 182 -9.51 -4.98 36.34
C HIS B 182 -8.71 -5.46 35.14
N ARG B 183 -7.39 -5.58 35.31
CA ARG B 183 -6.54 -6.04 34.21
C ARG B 183 -6.78 -7.51 33.90
N ALA B 184 -7.06 -8.31 34.92
CA ALA B 184 -7.30 -9.74 34.69
C ALA B 184 -8.63 -9.98 34.00
N ALA B 185 -9.60 -9.08 34.19
CA ALA B 185 -10.93 -9.28 33.63
C ALA B 185 -10.92 -9.39 32.11
N TRP B 186 -9.84 -8.97 31.45
CA TRP B 186 -9.77 -8.98 29.99
C TRP B 186 -9.29 -10.33 29.46
N GLY B 187 -9.91 -11.41 29.93
CA GLY B 187 -9.64 -12.73 29.39
C GLY B 187 -8.56 -13.51 30.10
N HIS B 188 -8.30 -13.23 31.37
CA HIS B 188 -7.36 -13.99 32.19
C HIS B 188 -8.17 -14.65 33.31
N LEU B 189 -8.79 -15.78 32.98
CA LEU B 189 -9.69 -16.44 33.91
C LEU B 189 -8.96 -16.92 35.15
N GLU B 190 -7.89 -17.71 34.97
CA GLU B 190 -7.15 -18.23 36.11
C GLU B 190 -6.64 -17.11 37.00
N LEU B 191 -6.23 -15.99 36.40
CA LEU B 191 -5.77 -14.86 37.21
C LEU B 191 -6.89 -14.29 38.05
N VAL B 192 -8.09 -14.16 37.47
CA VAL B 192 -9.24 -13.66 38.22
C VAL B 192 -9.54 -14.58 39.39
N GLU B 193 -9.55 -15.90 39.15
CA GLU B 193 -9.81 -16.85 40.22
C GLU B 193 -8.78 -16.71 41.33
N LYS B 194 -7.50 -16.58 40.98
CA LYS B 194 -6.46 -16.42 42.00
C LYS B 194 -6.65 -15.12 42.77
N LEU B 195 -6.85 -14.00 42.07
CA LEU B 195 -6.99 -12.72 42.75
C LEU B 195 -8.18 -12.72 43.69
N LEU B 196 -9.33 -13.20 43.22
CA LEU B 196 -10.51 -13.29 44.09
C LEU B 196 -10.23 -14.19 45.27
N LYS B 197 -9.57 -15.33 45.03
CA LYS B 197 -9.23 -16.24 46.13
C LYS B 197 -8.33 -15.58 47.14
N ASN B 198 -7.46 -14.67 46.71
CA ASN B 198 -6.54 -13.97 47.60
C ASN B 198 -7.16 -12.74 48.24
N GLY B 199 -8.44 -12.48 48.00
CA GLY B 199 -9.13 -11.38 48.64
C GLY B 199 -9.22 -10.10 47.84
N ALA B 200 -9.30 -10.20 46.51
CA ALA B 200 -9.46 -9.00 45.70
C ALA B 200 -10.88 -8.47 45.82
N ASP B 201 -10.99 -7.14 45.95
CA ASP B 201 -12.31 -6.50 46.02
C ASP B 201 -13.01 -6.65 44.68
N VAL B 202 -14.02 -7.53 44.63
CA VAL B 202 -14.71 -7.82 43.38
C VAL B 202 -15.51 -6.64 42.85
N ASN B 203 -15.74 -5.61 43.67
CA ASN B 203 -16.56 -4.47 43.28
C ASN B 203 -15.76 -3.18 43.22
N ALA B 204 -14.43 -3.26 43.05
CA ALA B 204 -13.61 -2.07 42.94
C ALA B 204 -14.01 -1.27 41.70
N ALA B 205 -14.41 -0.02 41.91
CA ALA B 205 -14.79 0.87 40.81
C ALA B 205 -13.59 1.73 40.44
N ASP B 206 -13.23 1.73 39.16
CA ASP B 206 -12.08 2.49 38.69
C ASP B 206 -12.40 3.98 38.67
N ILE B 207 -11.58 4.77 37.95
CA ILE B 207 -11.81 6.21 37.93
C ILE B 207 -13.10 6.54 37.19
N ASP B 208 -13.45 5.77 36.18
CA ASP B 208 -14.68 5.96 35.43
C ASP B 208 -15.86 5.21 36.02
N GLY B 209 -15.71 4.64 37.22
CA GLY B 209 -16.78 3.90 37.85
C GLY B 209 -16.97 2.48 37.35
N TYR B 210 -16.08 1.98 36.50
CA TYR B 210 -16.21 0.63 35.97
C TYR B 210 -15.67 -0.39 36.97
N THR B 211 -16.43 -1.45 37.19
CA THR B 211 -16.00 -2.59 37.98
C THR B 211 -15.46 -3.67 37.07
N PRO B 212 -14.77 -4.68 37.62
CA PRO B 212 -14.33 -5.80 36.77
C PRO B 212 -15.46 -6.46 36.02
N LEU B 213 -16.66 -6.48 36.60
CA LEU B 213 -17.80 -7.06 35.91
C LEU B 213 -18.22 -6.22 34.71
N HIS B 214 -18.06 -4.90 34.79
CA HIS B 214 -18.26 -4.05 33.63
C HIS B 214 -17.29 -4.42 32.51
N LEU B 215 -15.99 -4.45 32.84
CA LEU B 215 -14.98 -4.75 31.84
C LEU B 215 -15.18 -6.14 31.25
N ALA B 216 -15.54 -7.12 32.10
CA ALA B 216 -15.75 -8.47 31.61
C ALA B 216 -16.94 -8.54 30.65
N ALA B 217 -18.04 -7.87 30.99
CA ALA B 217 -19.18 -7.82 30.09
C ALA B 217 -18.85 -7.07 28.82
N PHE B 218 -18.06 -5.99 28.93
CA PHE B 218 -17.63 -5.26 27.74
C PHE B 218 -16.70 -6.11 26.89
N SER B 219 -15.83 -6.89 27.51
CA SER B 219 -14.89 -7.73 26.78
C SER B 219 -15.52 -9.04 26.31
N GLY B 220 -16.64 -9.44 26.90
CA GLY B 220 -17.32 -10.66 26.46
C GLY B 220 -16.70 -11.94 26.95
N HIS B 221 -16.26 -11.98 28.21
CA HIS B 221 -15.67 -13.18 28.80
C HIS B 221 -16.68 -13.79 29.75
N LEU B 222 -17.39 -14.82 29.27
CA LEU B 222 -18.45 -15.45 30.05
C LEU B 222 -17.90 -16.03 31.35
N GLU B 223 -16.86 -16.86 31.26
CA GLU B 223 -16.33 -17.51 32.44
C GLU B 223 -15.98 -16.49 33.52
N ILE B 224 -15.35 -15.37 33.13
CA ILE B 224 -14.93 -14.38 34.11
C ILE B 224 -16.15 -13.71 34.73
N VAL B 225 -17.19 -13.47 33.95
CA VAL B 225 -18.42 -12.88 34.49
C VAL B 225 -19.02 -13.81 35.53
N GLU B 226 -19.13 -15.10 35.20
CA GLU B 226 -19.70 -16.06 36.13
C GLU B 226 -18.91 -16.10 37.44
N VAL B 227 -17.58 -16.17 37.35
CA VAL B 227 -16.75 -16.23 38.55
C VAL B 227 -16.93 -14.96 39.37
N LEU B 228 -16.90 -13.80 38.72
CA LEU B 228 -17.11 -12.54 39.43
C LEU B 228 -18.45 -12.53 40.15
N LEU B 229 -19.49 -13.07 39.51
CA LEU B 229 -20.80 -13.08 40.14
C LEU B 229 -20.86 -14.05 41.32
N LYS B 230 -20.31 -15.24 41.15
CA LYS B 230 -20.30 -16.20 42.26
C LYS B 230 -19.34 -15.80 43.39
N TYR B 231 -18.63 -14.68 43.24
CA TYR B 231 -17.81 -14.12 44.30
C TYR B 231 -18.42 -12.84 44.89
N GLY B 232 -19.64 -12.50 44.50
CA GLY B 232 -20.34 -11.39 45.09
C GLY B 232 -20.33 -10.09 44.30
N ALA B 233 -20.08 -10.16 42.99
CA ALA B 233 -20.01 -8.94 42.18
C ALA B 233 -21.40 -8.31 42.05
N ASP B 234 -21.49 -7.00 42.31
CA ASP B 234 -22.73 -6.28 42.12
C ASP B 234 -23.13 -6.33 40.66
N VAL B 235 -24.20 -7.08 40.34
CA VAL B 235 -24.60 -7.24 38.95
C VAL B 235 -25.23 -5.99 38.39
N ASN B 236 -25.68 -5.06 39.23
CA ASN B 236 -26.23 -3.79 38.76
C ASN B 236 -25.34 -2.63 39.18
N ALA B 237 -24.03 -2.77 38.98
CA ALA B 237 -23.10 -1.73 39.39
C ALA B 237 -23.25 -0.51 38.50
N ASP B 238 -23.33 0.67 39.13
CA ASP B 238 -23.46 1.91 38.38
C ASP B 238 -23.31 3.12 39.31
N ASP B 239 -22.10 3.36 39.81
CA ASP B 239 -21.84 4.52 40.65
C ASP B 239 -21.67 5.75 39.76
N GLN B 240 -20.52 5.86 39.08
CA GLN B 240 -20.27 6.93 38.14
C GLN B 240 -20.07 6.39 36.72
N ALA B 241 -20.49 5.15 36.48
CA ALA B 241 -20.19 4.47 35.22
C ALA B 241 -21.11 4.93 34.10
N GLY B 242 -22.41 5.00 34.38
CA GLY B 242 -23.41 5.37 33.40
C GLY B 242 -24.10 4.20 32.73
N PHE B 243 -23.53 3.01 32.80
CA PHE B 243 -24.15 1.77 32.34
C PHE B 243 -24.13 0.76 33.48
N THR B 244 -24.86 -0.33 33.30
CA THR B 244 -24.73 -1.52 34.11
C THR B 244 -24.17 -2.65 33.25
N PRO B 245 -23.62 -3.69 33.85
CA PRO B 245 -23.13 -4.82 33.04
C PRO B 245 -24.15 -5.35 32.05
N LEU B 246 -25.45 -5.27 32.38
CA LEU B 246 -26.47 -5.76 31.47
C LEU B 246 -26.58 -4.86 30.24
N HIS B 247 -26.39 -3.55 30.41
CA HIS B 247 -26.34 -2.67 29.25
C HIS B 247 -25.21 -3.08 28.31
N LEU B 248 -23.99 -3.18 28.84
CA LEU B 248 -22.84 -3.52 28.00
C LEU B 248 -23.06 -4.85 27.28
N ALA B 249 -23.47 -5.88 28.03
CA ALA B 249 -23.70 -7.19 27.41
C ALA B 249 -24.75 -7.13 26.32
N ALA B 250 -25.72 -6.20 26.45
CA ALA B 250 -26.74 -6.06 25.43
C ALA B 250 -26.24 -5.26 24.24
N ILE B 251 -25.29 -4.34 24.45
CA ILE B 251 -24.74 -3.57 23.35
C ILE B 251 -23.96 -4.46 22.39
N PHE B 252 -23.21 -5.42 22.94
CA PHE B 252 -22.22 -6.17 22.17
C PHE B 252 -22.67 -7.59 21.88
N GLY B 253 -23.97 -7.86 21.93
CA GLY B 253 -24.49 -9.14 21.49
C GLY B 253 -23.90 -10.35 22.20
N HIS B 254 -23.79 -10.28 23.53
CA HIS B 254 -23.29 -11.39 24.33
C HIS B 254 -24.50 -12.04 25.02
N LEU B 255 -25.15 -12.94 24.30
CA LEU B 255 -26.40 -13.54 24.79
C LEU B 255 -26.18 -14.29 26.09
N GLU B 256 -25.15 -15.15 26.14
CA GLU B 256 -24.91 -15.94 27.35
C GLU B 256 -24.62 -15.04 28.54
N ILE B 257 -23.93 -13.92 28.31
CA ILE B 257 -23.69 -12.95 29.38
C ILE B 257 -25.02 -12.43 29.90
N VAL B 258 -25.93 -12.09 28.99
CA VAL B 258 -27.24 -11.57 29.39
C VAL B 258 -27.99 -12.60 30.22
N GLU B 259 -27.95 -13.87 29.80
CA GLU B 259 -28.64 -14.91 30.54
C GLU B 259 -28.13 -15.01 31.98
N VAL B 260 -26.81 -14.96 32.15
CA VAL B 260 -26.23 -15.09 33.48
C VAL B 260 -26.53 -13.85 34.32
N LEU B 261 -26.37 -12.66 33.73
CA LEU B 261 -26.64 -11.42 34.48
C LEU B 261 -28.09 -11.38 34.96
N LEU B 262 -29.03 -11.72 34.09
CA LEU B 262 -30.43 -11.78 34.50
C LEU B 262 -30.63 -12.78 35.62
N LYS B 263 -30.06 -13.98 35.47
CA LYS B 263 -30.22 -15.02 36.47
C LYS B 263 -29.73 -14.59 37.83
N ASN B 264 -28.73 -13.70 37.87
CA ASN B 264 -28.15 -13.22 39.12
C ASN B 264 -28.73 -11.88 39.55
N GLY B 265 -29.85 -11.48 38.99
CA GLY B 265 -30.59 -10.33 39.47
C GLY B 265 -30.39 -9.03 38.71
N ALA B 266 -29.95 -9.09 37.45
CA ALA B 266 -29.77 -7.86 36.69
C ALA B 266 -31.12 -7.16 36.50
N ASP B 267 -31.09 -5.83 36.58
CA ASP B 267 -32.30 -5.02 36.45
C ASP B 267 -32.55 -4.73 34.98
N VAL B 268 -33.68 -5.23 34.47
CA VAL B 268 -34.02 -4.99 33.07
C VAL B 268 -34.43 -3.54 32.86
N ASN B 269 -34.93 -2.87 33.90
CA ASN B 269 -35.40 -1.50 33.81
C ASN B 269 -34.31 -0.47 34.08
N ALA B 270 -33.10 -0.90 34.42
CA ALA B 270 -32.02 0.05 34.67
C ALA B 270 -31.81 0.93 33.45
N GLN B 271 -31.55 2.21 33.69
CA GLN B 271 -31.38 3.20 32.64
C GLN B 271 -29.98 3.77 32.70
N ASP B 272 -29.29 3.79 31.56
CA ASP B 272 -28.02 4.47 31.47
C ASP B 272 -28.25 5.99 31.49
N LYS B 273 -27.14 6.74 31.58
CA LYS B 273 -27.24 8.19 31.68
C LYS B 273 -27.84 8.83 30.44
N PHE B 274 -28.14 8.06 29.40
CA PHE B 274 -28.89 8.56 28.25
C PHE B 274 -30.34 8.11 28.25
N GLY B 275 -30.77 7.39 29.30
CA GLY B 275 -32.15 7.00 29.43
C GLY B 275 -32.53 5.71 28.74
N LYS B 276 -31.57 4.96 28.21
CA LYS B 276 -31.85 3.71 27.53
C LYS B 276 -31.82 2.54 28.51
N THR B 277 -32.70 1.57 28.29
CA THR B 277 -32.63 0.30 28.99
C THR B 277 -31.84 -0.71 28.16
N PRO B 278 -31.36 -1.80 28.78
CA PRO B 278 -30.66 -2.82 27.98
C PRO B 278 -31.46 -3.30 26.79
N PHE B 279 -32.78 -3.33 26.91
CA PHE B 279 -33.62 -3.67 25.76
C PHE B 279 -33.43 -2.66 24.63
N ASP B 280 -33.55 -1.37 24.95
CA ASP B 280 -33.38 -0.33 23.94
C ASP B 280 -32.02 -0.45 23.27
N LEU B 281 -30.96 -0.63 24.06
CA LEU B 281 -29.62 -0.78 23.48
C LEU B 281 -29.55 -1.99 22.57
N ALA B 282 -30.17 -3.10 22.99
CA ALA B 282 -30.19 -4.29 22.14
C ALA B 282 -30.97 -4.04 20.86
N ILE B 283 -32.05 -3.25 20.95
CA ILE B 283 -32.82 -2.91 19.76
C ILE B 283 -31.97 -2.07 18.81
N ASP B 284 -31.28 -1.06 19.34
CA ASP B 284 -30.51 -0.16 18.49
C ASP B 284 -29.32 -0.86 17.84
N ASN B 285 -28.78 -1.89 18.50
CA ASN B 285 -27.62 -2.60 17.98
C ASN B 285 -27.99 -3.82 17.14
N GLY B 286 -29.27 -4.10 16.96
CA GLY B 286 -29.69 -5.23 16.17
C GLY B 286 -29.54 -6.57 16.85
N ASN B 287 -29.37 -6.58 18.17
CA ASN B 287 -29.28 -7.84 18.93
C ASN B 287 -30.69 -8.34 19.17
N GLU B 288 -31.25 -8.96 18.12
CA GLU B 288 -32.66 -9.33 18.14
C GLU B 288 -32.96 -10.42 19.18
N ASP B 289 -32.01 -11.31 19.44
CA ASP B 289 -32.24 -12.35 20.45
C ASP B 289 -32.28 -11.73 21.85
N ILE B 290 -31.26 -10.95 22.20
CA ILE B 290 -31.20 -10.36 23.54
C ILE B 290 -32.44 -9.50 23.78
N ALA B 291 -32.83 -8.69 22.80
CA ALA B 291 -34.06 -7.91 22.93
C ALA B 291 -35.24 -8.81 23.19
N GLU B 292 -35.29 -9.98 22.53
CA GLU B 292 -36.42 -10.88 22.68
C GLU B 292 -36.53 -11.41 24.11
N VAL B 293 -35.44 -11.99 24.64
CA VAL B 293 -35.50 -12.54 25.99
C VAL B 293 -35.59 -11.42 27.01
N LEU B 294 -35.02 -10.26 26.72
CA LEU B 294 -35.23 -9.12 27.61
C LEU B 294 -36.68 -8.68 27.61
N GLN B 295 -37.47 -9.06 26.60
CA GLN B 295 -38.87 -8.67 26.57
C GLN B 295 -39.69 -9.48 27.56
N LYS B 296 -39.35 -10.75 27.77
CA LYS B 296 -40.05 -11.51 28.81
C LYS B 296 -39.72 -11.00 30.21
N ALA B 297 -38.76 -10.08 30.33
CA ALA B 297 -38.52 -9.35 31.56
C ALA B 297 -38.44 -10.27 32.79
N SER C 7 16.03 -2.99 -10.23
CA SER C 7 17.26 -3.11 -9.44
C SER C 7 17.90 -4.48 -9.65
N LYS C 8 17.44 -5.47 -8.87
CA LYS C 8 17.90 -6.84 -9.01
C LYS C 8 16.78 -7.80 -9.38
N GLY C 9 15.53 -7.34 -9.40
CA GLY C 9 14.40 -8.23 -9.65
C GLY C 9 14.28 -8.68 -11.10
N GLU C 10 14.86 -7.94 -12.05
CA GLU C 10 14.78 -8.35 -13.44
C GLU C 10 15.40 -9.72 -13.68
N GLU C 11 16.31 -10.15 -12.81
CA GLU C 11 16.93 -11.46 -12.97
C GLU C 11 15.98 -12.60 -12.65
N LEU C 12 14.88 -12.32 -11.96
CA LEU C 12 13.89 -13.36 -11.68
C LEU C 12 13.09 -13.76 -12.91
N PHE C 13 13.26 -13.05 -14.03
CA PHE C 13 12.48 -13.29 -15.24
C PHE C 13 13.34 -13.74 -16.41
N THR C 14 14.60 -14.12 -16.17
CA THR C 14 15.47 -14.52 -17.27
C THR C 14 15.02 -15.81 -17.95
N GLY C 15 14.14 -16.58 -17.30
CA GLY C 15 13.64 -17.80 -17.89
C GLY C 15 12.12 -17.87 -17.84
N VAL C 16 11.57 -19.05 -18.14
CA VAL C 16 10.13 -19.24 -18.11
C VAL C 16 9.66 -19.31 -16.66
N VAL C 17 8.65 -18.53 -16.33
CA VAL C 17 8.19 -18.37 -14.96
C VAL C 17 6.74 -18.87 -14.88
N PRO C 18 6.41 -19.76 -13.96
CA PRO C 18 5.00 -20.15 -13.78
C PRO C 18 4.17 -18.97 -13.28
N ILE C 19 2.93 -18.89 -13.76
CA ILE C 19 2.01 -17.81 -13.42
C ILE C 19 0.76 -18.40 -12.79
N LEU C 20 0.24 -17.70 -11.78
CA LEU C 20 -1.02 -18.03 -11.14
C LEU C 20 -1.85 -16.75 -11.03
N VAL C 21 -3.11 -16.81 -11.46
CA VAL C 21 -3.99 -15.66 -11.45
C VAL C 21 -5.25 -16.02 -10.68
N GLU C 22 -5.66 -15.15 -9.77
N GLU C 22 -5.66 -15.15 -9.77
CA GLU C 22 -6.87 -15.34 -8.98
CA GLU C 22 -6.86 -15.33 -8.96
C GLU C 22 -7.64 -14.03 -8.95
C GLU C 22 -7.64 -14.01 -8.96
N LEU C 23 -8.81 -14.02 -9.58
CA LEU C 23 -9.66 -12.85 -9.69
C LEU C 23 -11.02 -13.15 -9.06
N ASP C 24 -11.38 -12.40 -8.02
CA ASP C 24 -12.73 -12.43 -7.46
C ASP C 24 -13.45 -11.17 -7.92
N GLY C 25 -14.40 -11.34 -8.83
CA GLY C 25 -15.10 -10.22 -9.43
C GLY C 25 -16.51 -10.03 -8.88
N ASP C 26 -17.04 -8.82 -9.10
CA ASP C 26 -18.39 -8.50 -8.63
C ASP C 26 -18.91 -7.36 -9.52
N VAL C 27 -19.64 -7.72 -10.56
CA VAL C 27 -20.20 -6.76 -11.51
C VAL C 27 -21.72 -6.72 -11.29
N ASN C 28 -22.21 -5.58 -10.81
CA ASN C 28 -23.65 -5.39 -10.60
C ASN C 28 -24.23 -6.52 -9.75
N GLY C 29 -23.51 -6.89 -8.69
CA GLY C 29 -23.94 -7.95 -7.80
C GLY C 29 -23.74 -9.36 -8.33
N HIS C 30 -23.49 -9.52 -9.63
CA HIS C 30 -23.20 -10.84 -10.19
C HIS C 30 -21.79 -11.26 -9.78
N LYS C 31 -21.68 -11.99 -8.68
CA LYS C 31 -20.38 -12.38 -8.16
C LYS C 31 -19.86 -13.61 -8.89
N PHE C 32 -18.58 -13.58 -9.25
CA PHE C 32 -17.94 -14.66 -9.99
C PHE C 32 -16.48 -14.72 -9.59
N SER C 33 -15.80 -15.76 -10.07
CA SER C 33 -14.39 -15.94 -9.78
C SER C 33 -13.71 -16.56 -10.98
N VAL C 34 -12.48 -16.13 -11.24
CA VAL C 34 -11.67 -16.63 -12.34
C VAL C 34 -10.33 -17.08 -11.78
N SER C 35 -9.81 -18.18 -12.34
CA SER C 35 -8.49 -18.68 -11.99
C SER C 35 -7.73 -19.01 -13.26
N GLY C 36 -6.47 -18.60 -13.31
CA GLY C 36 -5.65 -18.82 -14.49
C GLY C 36 -4.28 -19.31 -14.11
N GLU C 37 -3.67 -20.04 -15.03
CA GLU C 37 -2.33 -20.57 -14.82
C GLU C 37 -1.66 -20.76 -16.16
N GLY C 38 -0.33 -20.79 -16.14
CA GLY C 38 0.45 -20.97 -17.34
C GLY C 38 1.87 -20.49 -17.15
N GLU C 39 2.47 -19.91 -18.19
CA GLU C 39 3.87 -19.53 -18.14
C GLU C 39 4.06 -18.15 -18.76
N GLY C 40 4.96 -17.38 -18.18
CA GLY C 40 5.38 -16.11 -18.75
C GLY C 40 6.87 -16.15 -19.05
N ASP C 41 7.24 -15.59 -20.21
CA ASP C 41 8.63 -15.57 -20.66
C ASP C 41 8.97 -14.12 -21.00
N ALA C 42 9.49 -13.40 -20.02
CA ALA C 42 9.77 -11.98 -20.21
C ALA C 42 10.86 -11.75 -21.24
N THR C 43 11.83 -12.66 -21.35
CA THR C 43 12.90 -12.50 -22.34
C THR C 43 12.31 -12.24 -23.72
N TYR C 44 11.20 -12.89 -24.04
CA TYR C 44 10.50 -12.68 -25.31
C TYR C 44 9.14 -12.04 -25.11
N GLY C 45 8.87 -11.49 -23.93
CA GLY C 45 7.60 -10.84 -23.67
C GLY C 45 6.39 -11.69 -24.02
N LYS C 46 6.46 -12.98 -23.73
CA LYS C 46 5.41 -13.93 -24.12
C LYS C 46 4.67 -14.44 -22.89
N LEU C 47 3.35 -14.55 -23.02
CA LEU C 47 2.50 -15.16 -22.01
C LEU C 47 1.73 -16.31 -22.65
N THR C 48 1.71 -17.46 -21.99
CA THR C 48 0.93 -18.62 -22.42
C THR C 48 0.08 -19.05 -21.23
N LEU C 49 -1.19 -18.69 -21.25
CA LEU C 49 -2.06 -18.83 -20.09
C LEU C 49 -3.40 -19.41 -20.52
N LYS C 50 -4.08 -20.04 -19.55
CA LYS C 50 -5.44 -20.50 -19.72
C LYS C 50 -6.23 -20.16 -18.46
N PHE C 51 -7.34 -19.48 -18.63
CA PHE C 51 -8.17 -19.03 -17.52
C PHE C 51 -9.47 -19.83 -17.48
N ILE C 52 -10.00 -20.00 -16.28
CA ILE C 52 -11.26 -20.71 -16.06
C ILE C 52 -12.12 -19.89 -15.13
N CYS C 53 -13.43 -19.91 -15.37
CA CYS C 53 -14.40 -19.34 -14.44
C CYS C 53 -14.78 -20.44 -13.46
N THR C 54 -14.20 -20.38 -12.26
CA THR C 54 -14.36 -21.46 -11.28
C THR C 54 -15.77 -21.55 -10.72
N THR C 55 -16.65 -20.59 -11.04
CA THR C 55 -18.00 -20.55 -10.47
C THR C 55 -19.08 -20.65 -11.53
N GLY C 56 -18.76 -21.18 -12.72
CA GLY C 56 -19.75 -21.42 -13.75
C GLY C 56 -19.70 -20.43 -14.90
N LYS C 57 -20.87 -19.99 -15.36
CA LYS C 57 -20.95 -19.06 -16.47
C LYS C 57 -20.41 -17.70 -16.05
N LEU C 58 -19.45 -17.20 -16.81
CA LEU C 58 -18.91 -15.87 -16.54
C LEU C 58 -19.97 -14.82 -16.90
N PRO C 59 -20.28 -13.87 -16.01
CA PRO C 59 -21.36 -12.92 -16.32
C PRO C 59 -20.96 -11.79 -17.26
N VAL C 60 -19.67 -11.59 -17.51
CA VAL C 60 -19.22 -10.59 -18.46
C VAL C 60 -18.37 -11.30 -19.51
N PRO C 61 -18.12 -10.66 -20.65
CA PRO C 61 -17.29 -11.29 -21.67
C PRO C 61 -15.84 -11.39 -21.22
N TRP C 62 -15.16 -12.43 -21.70
CA TRP C 62 -13.76 -12.61 -21.37
C TRP C 62 -12.88 -11.46 -21.84
N PRO C 63 -13.04 -10.90 -23.04
CA PRO C 63 -12.14 -9.83 -23.49
C PRO C 63 -12.01 -8.66 -22.51
N THR C 64 -13.05 -8.37 -21.74
CA THR C 64 -12.99 -7.24 -20.81
C THR C 64 -12.05 -7.51 -19.64
N LEU C 65 -11.82 -8.77 -19.30
CA LEU C 65 -10.96 -9.13 -18.19
C LEU C 65 -9.52 -9.35 -18.60
N VAL C 66 -9.21 -9.38 -19.90
CA VAL C 66 -7.85 -9.65 -20.35
C VAL C 66 -6.87 -8.72 -19.68
N THR C 67 -7.12 -7.40 -19.77
CA THR C 67 -6.21 -6.44 -19.15
C THR C 67 -6.09 -6.67 -17.65
N THR C 68 -7.22 -6.87 -16.98
CA THR C 68 -7.18 -7.11 -15.54
C THR C 68 -6.44 -8.40 -15.21
N LEU C 69 -6.72 -9.46 -15.98
CA LEU C 69 -6.05 -10.73 -15.78
C LEU C 69 -4.58 -10.63 -16.16
N1 CRO C 70 -4.10 -10.45 -17.07
CA1 CRO C 70 -2.78 -10.19 -17.63
CB1 CRO C 70 -2.60 -10.85 -19.00
CG1 CRO C 70 -2.90 -12.36 -18.89
OG1 CRO C 70 -3.46 -10.26 -19.94
C1 CRO C 70 -2.58 -8.68 -17.75
N2 CRO C 70 -2.66 -7.92 -18.95
N3 CRO C 70 -2.26 -7.85 -16.60
C2 CRO C 70 -2.14 -6.48 -17.14
O2 CRO C 70 -1.89 -5.50 -16.51
CA2 CRO C 70 -2.40 -6.55 -18.65
CA3 CRO C 70 -2.11 -8.27 -15.22
C3 CRO C 70 -0.67 -8.05 -14.76
O3 CRO C 70 -0.43 -7.52 -13.64
CB2 CRO C 70 -2.37 -5.50 -19.46
CG2 CRO C 70 -2.69 -5.54 -20.96
CD1 CRO C 70 -2.64 -4.34 -21.66
CD2 CRO C 70 -2.99 -6.71 -21.64
CE1 CRO C 70 -2.91 -4.31 -23.01
CE2 CRO C 70 -3.26 -6.67 -22.99
CZ CRO C 70 -3.22 -5.47 -23.68
OH CRO C 70 -3.49 -5.42 -25.06
H CRO C 70 -4.31 -11.31 -17.18
HA1 CRO C 70 -2.11 -10.55 -17.02
HB1 CRO C 70 -1.68 -10.73 -19.29
HG11 CRO C 70 -2.38 -12.83 -19.56
HG12 CRO C 70 -2.65 -12.66 -18.01
HG13 CRO C 70 -3.85 -12.51 -19.03
HOG1 CRO C 70 -3.00 -9.93 -20.57
HA31 CRO C 70 -2.71 -7.76 -14.66
HA32 CRO C 70 -2.33 -9.21 -15.15
HB2 CRO C 70 -2.14 -4.68 -19.09
HD1 CRO C 70 -2.43 -3.55 -21.21
HD2 CRO C 70 -3.02 -7.52 -21.18
HE1 CRO C 70 -2.88 -3.50 -23.47
HE2 CRO C 70 -3.47 -7.46 -23.45
HOH CRO C 70 -4.32 -5.29 -25.18
N VAL C 71 -0.07 -9.04 -15.99
CA VAL C 71 1.27 -9.28 -15.48
C VAL C 71 2.28 -8.60 -16.39
N GLN C 72 2.32 -7.26 -16.32
CA GLN C 72 3.21 -6.47 -17.16
C GLN C 72 4.67 -6.56 -16.74
N CYS C 73 4.98 -7.28 -15.66
CA CYS C 73 6.37 -7.64 -15.38
C CYS C 73 6.92 -8.61 -16.42
N PHE C 74 6.06 -9.21 -17.23
CA PHE C 74 6.49 -10.08 -18.32
C PHE C 74 6.56 -9.36 -19.66
N SER C 75 6.55 -8.03 -19.65
CA SER C 75 6.78 -7.27 -20.88
C SER C 75 8.26 -7.33 -21.25
N ARG C 76 8.53 -7.38 -22.55
CA ARG C 76 9.91 -7.45 -23.02
C ARG C 76 10.51 -6.05 -23.03
N TYR C 77 11.38 -5.78 -22.06
CA TYR C 77 12.11 -4.53 -22.02
C TYR C 77 13.51 -4.78 -22.58
N PRO C 78 13.82 -4.33 -23.79
CA PRO C 78 15.15 -4.63 -24.37
C PRO C 78 16.26 -4.05 -23.51
N ASP C 79 17.48 -4.53 -23.77
CA ASP C 79 18.63 -4.15 -22.95
C ASP C 79 18.81 -2.65 -22.89
N HIS C 80 18.51 -1.94 -23.98
CA HIS C 80 18.61 -0.48 -24.00
C HIS C 80 17.44 0.20 -23.29
N MET C 81 16.60 -0.55 -22.57
CA MET C 81 15.53 0.01 -21.75
C MET C 81 15.45 -0.65 -20.38
N LYS C 82 16.47 -1.40 -19.98
CA LYS C 82 16.45 -2.04 -18.66
C LYS C 82 16.15 -1.03 -17.56
N GLN C 83 16.72 0.16 -17.67
CA GLN C 83 16.54 1.22 -16.68
C GLN C 83 15.12 1.78 -16.65
N HIS C 84 14.15 1.23 -17.38
CA HIS C 84 12.79 1.76 -17.41
C HIS C 84 11.76 0.66 -17.16
N ASP C 85 12.14 -0.40 -16.46
CA ASP C 85 11.26 -1.55 -16.22
C ASP C 85 10.87 -1.54 -14.74
N PHE C 86 9.87 -0.72 -14.41
CA PHE C 86 9.40 -0.64 -13.03
C PHE C 86 8.83 -1.96 -12.56
N PHE C 87 8.14 -2.69 -13.44
CA PHE C 87 7.42 -3.89 -13.03
C PHE C 87 8.36 -4.91 -12.39
N LYS C 88 9.38 -5.35 -13.14
CA LYS C 88 10.33 -6.31 -12.60
C LYS C 88 11.16 -5.71 -11.47
N SER C 89 11.33 -4.39 -11.48
CA SER C 89 12.16 -3.74 -10.47
C SER C 89 11.56 -3.87 -9.08
N ALA C 90 10.23 -3.93 -8.97
CA ALA C 90 9.55 -4.04 -7.68
C ALA C 90 9.49 -5.47 -7.16
N MET C 91 10.00 -6.44 -7.91
CA MET C 91 9.94 -7.84 -7.52
C MET C 91 11.09 -8.18 -6.58
N PRO C 92 10.99 -9.28 -5.82
CA PRO C 92 9.86 -10.22 -5.76
C PRO C 92 8.71 -9.76 -4.88
N GLU C 93 8.95 -8.79 -4.00
CA GLU C 93 7.89 -8.28 -3.14
C GLU C 93 6.67 -7.90 -3.97
N GLY C 94 6.89 -7.31 -5.14
CA GLY C 94 5.82 -7.04 -6.07
C GLY C 94 5.35 -5.61 -6.03
N TYR C 95 4.24 -5.37 -6.73
CA TYR C 95 3.65 -4.05 -6.85
C TYR C 95 2.13 -4.18 -6.83
N VAL C 96 1.47 -3.13 -6.36
CA VAL C 96 0.03 -3.00 -6.50
C VAL C 96 -0.28 -2.48 -7.91
N GLN C 97 -1.40 -2.92 -8.46
CA GLN C 97 -1.85 -2.44 -9.77
C GLN C 97 -3.34 -2.14 -9.67
N GLU C 98 -3.67 -0.86 -9.49
CA GLU C 98 -5.05 -0.41 -9.42
C GLU C 98 -5.46 0.19 -10.76
N ARG C 99 -6.70 -0.07 -11.17
CA ARG C 99 -7.23 0.45 -12.42
C ARG C 99 -8.65 0.92 -12.23
N THR C 100 -9.06 1.84 -13.11
CA THR C 100 -10.46 2.14 -13.35
C THR C 100 -10.67 2.08 -14.86
N ILE C 101 -11.58 1.22 -15.29
CA ILE C 101 -11.83 0.98 -16.71
C ILE C 101 -13.19 1.56 -17.05
N PHE C 102 -13.21 2.67 -17.77
CA PHE C 102 -14.45 3.31 -18.19
C PHE C 102 -14.84 2.78 -19.56
N PHE C 103 -16.01 2.15 -19.64
CA PHE C 103 -16.59 1.73 -20.92
C PHE C 103 -17.52 2.83 -21.41
N LYS C 104 -17.39 3.20 -22.68
CA LYS C 104 -18.21 4.26 -23.23
C LYS C 104 -19.67 3.83 -23.25
N ASP C 105 -20.54 4.71 -22.74
CA ASP C 105 -21.98 4.46 -22.70
C ASP C 105 -22.31 3.21 -21.89
N ASP C 106 -21.54 2.95 -20.83
CA ASP C 106 -21.75 1.75 -20.03
C ASP C 106 -21.02 1.93 -18.70
N GLY C 107 -21.03 0.88 -17.90
CA GLY C 107 -20.43 0.91 -16.58
C GLY C 107 -18.92 0.89 -16.65
N ASN C 108 -18.31 0.74 -15.47
CA ASN C 108 -16.86 0.77 -15.34
C ASN C 108 -16.41 -0.29 -14.34
N TYR C 109 -15.25 -0.88 -14.61
CA TYR C 109 -14.59 -1.76 -13.65
C TYR C 109 -13.66 -0.98 -12.75
N LYS C 110 -13.45 -1.50 -11.54
CA LYS C 110 -12.46 -0.96 -10.62
C LYS C 110 -11.70 -2.13 -10.02
N THR C 111 -10.39 -2.19 -10.25
CA THR C 111 -9.58 -3.33 -9.89
C THR C 111 -8.46 -2.92 -8.94
N ARG C 112 -8.13 -3.82 -8.03
CA ARG C 112 -6.92 -3.71 -7.21
C ARG C 112 -6.22 -5.05 -7.26
N ALA C 113 -4.98 -5.05 -7.73
CA ALA C 113 -4.23 -6.29 -7.92
C ALA C 113 -2.89 -6.18 -7.19
N GLU C 114 -2.52 -7.27 -6.52
CA GLU C 114 -1.20 -7.45 -5.95
C GLU C 114 -0.45 -8.47 -6.81
N VAL C 115 0.58 -8.02 -7.49
CA VAL C 115 1.37 -8.86 -8.39
C VAL C 115 2.72 -9.07 -7.73
N LYS C 116 2.97 -10.28 -7.25
CA LYS C 116 4.16 -10.57 -6.47
C LYS C 116 4.59 -12.02 -6.68
N PHE C 117 5.78 -12.34 -6.19
CA PHE C 117 6.29 -13.70 -6.24
C PHE C 117 5.90 -14.47 -4.99
N GLU C 118 5.37 -15.67 -5.17
CA GLU C 118 5.10 -16.61 -4.08
C GLU C 118 5.81 -17.90 -4.46
N GLY C 119 7.07 -18.02 -4.08
CA GLY C 119 7.90 -19.12 -4.51
C GLY C 119 8.35 -18.96 -5.94
N ASP C 120 8.36 -20.04 -6.71
CA ASP C 120 8.72 -19.98 -8.12
C ASP C 120 7.66 -19.31 -8.98
N THR C 121 6.48 -19.02 -8.44
CA THR C 121 5.34 -18.59 -9.21
C THR C 121 5.08 -17.10 -9.03
N LEU C 122 4.83 -16.41 -10.13
CA LEU C 122 4.39 -15.02 -10.11
C LEU C 122 2.88 -14.99 -10.05
N VAL C 123 2.33 -14.46 -8.96
CA VAL C 123 0.90 -14.55 -8.67
C VAL C 123 0.29 -13.17 -8.83
N ASN C 124 -0.74 -13.08 -9.66
CA ASN C 124 -1.54 -11.87 -9.83
C ASN C 124 -2.87 -12.08 -9.12
N ARG C 125 -3.00 -11.48 -7.94
CA ARG C 125 -4.19 -11.62 -7.11
C ARG C 125 -5.05 -10.37 -7.24
N ILE C 126 -6.28 -10.53 -7.72
CA ILE C 126 -7.10 -9.41 -8.14
C ILE C 126 -8.43 -9.43 -7.40
N GLU C 127 -8.98 -8.23 -7.21
CA GLU C 127 -10.35 -8.03 -6.74
C GLU C 127 -11.00 -6.98 -7.62
N LEU C 128 -12.12 -7.33 -8.25
CA LEU C 128 -12.76 -6.48 -9.24
C LEU C 128 -14.17 -6.11 -8.77
N LYS C 129 -14.58 -4.90 -9.11
CA LYS C 129 -15.93 -4.40 -8.78
C LYS C 129 -16.42 -3.57 -9.96
N GLY C 130 -17.41 -4.09 -10.68
CA GLY C 130 -18.05 -3.35 -11.76
C GLY C 130 -19.35 -2.74 -11.28
N ILE C 131 -19.67 -1.56 -11.81
CA ILE C 131 -20.84 -0.81 -11.41
C ILE C 131 -21.45 -0.11 -12.62
N ASP C 132 -22.72 0.28 -12.48
CA ASP C 132 -23.43 1.11 -13.46
C ASP C 132 -23.55 0.43 -14.82
N PHE C 133 -23.49 -0.90 -14.88
CA PHE C 133 -23.58 -1.60 -16.14
C PHE C 133 -25.03 -1.88 -16.51
N LYS C 134 -25.29 -1.88 -17.81
CA LYS C 134 -26.63 -2.06 -18.35
C LYS C 134 -26.85 -3.52 -18.72
N GLU C 135 -27.94 -4.09 -18.23
CA GLU C 135 -28.17 -5.52 -18.37
C GLU C 135 -28.20 -5.95 -19.83
N ASP C 136 -28.59 -5.06 -20.74
CA ASP C 136 -28.58 -5.34 -22.17
C ASP C 136 -27.50 -4.54 -22.89
N GLY C 137 -26.45 -4.12 -22.17
CA GLY C 137 -25.33 -3.44 -22.77
C GLY C 137 -24.34 -4.41 -23.38
N ASN C 138 -23.24 -3.86 -23.88
CA ASN C 138 -22.23 -4.68 -24.55
C ASN C 138 -21.61 -5.70 -23.61
N ILE C 139 -21.57 -5.41 -22.30
CA ILE C 139 -20.88 -6.27 -21.35
C ILE C 139 -21.86 -7.30 -20.81
N LEU C 140 -22.79 -6.87 -19.95
CA LEU C 140 -23.74 -7.82 -19.37
C LEU C 140 -24.59 -8.50 -20.44
N GLY C 141 -24.79 -7.83 -21.58
CA GLY C 141 -25.57 -8.41 -22.66
C GLY C 141 -24.79 -9.33 -23.57
N HIS C 142 -23.47 -9.42 -23.40
CA HIS C 142 -22.62 -10.32 -24.18
C HIS C 142 -22.75 -10.05 -25.68
N LYS C 143 -22.35 -8.83 -26.07
CA LYS C 143 -22.26 -8.46 -27.47
C LYS C 143 -20.82 -8.30 -27.95
N LEU C 144 -19.84 -8.36 -27.05
CA LEU C 144 -18.45 -8.30 -27.47
C LEU C 144 -18.06 -9.60 -28.16
N GLU C 145 -17.39 -9.49 -29.29
CA GLU C 145 -16.89 -10.67 -29.97
C GLU C 145 -15.70 -11.25 -29.23
N TYR C 146 -15.52 -12.57 -29.36
CA TYR C 146 -14.43 -13.26 -28.66
C TYR C 146 -13.14 -13.13 -29.48
N ASN C 147 -12.66 -11.89 -29.56
CA ASN C 147 -11.38 -11.58 -30.18
C ASN C 147 -10.73 -10.47 -29.37
N TYR C 148 -9.53 -10.07 -29.79
CA TYR C 148 -8.80 -9.00 -29.13
C TYR C 148 -8.03 -8.21 -30.17
N ASN C 149 -7.42 -7.11 -29.73
CA ASN C 149 -6.77 -6.16 -30.63
C ASN C 149 -5.39 -5.81 -30.09
N SER C 150 -4.57 -5.26 -30.97
CA SER C 150 -3.29 -4.70 -30.58
C SER C 150 -3.50 -3.31 -30.02
N HIS C 151 -2.75 -2.96 -28.97
CA HIS C 151 -2.90 -1.70 -28.29
C HIS C 151 -1.53 -1.15 -27.91
N ASN C 152 -1.46 0.17 -27.78
CA ASN C 152 -0.26 0.85 -27.29
C ASN C 152 -0.52 1.28 -25.85
N VAL C 153 0.32 0.80 -24.93
CA VAL C 153 0.16 1.04 -23.51
C VAL C 153 1.20 2.06 -23.09
N TYR C 154 0.75 3.28 -22.80
CA TYR C 154 1.65 4.39 -22.50
C TYR C 154 1.93 4.42 -21.00
N ILE C 155 3.21 4.47 -20.64
CA ILE C 155 3.65 4.38 -19.26
C ILE C 155 4.37 5.67 -18.89
N MET C 156 4.07 6.18 -17.70
CA MET C 156 4.69 7.40 -17.19
C MET C 156 5.08 7.18 -15.74
N ALA C 157 6.11 7.90 -15.30
CA ALA C 157 6.56 7.80 -13.93
C ALA C 157 5.65 8.57 -13.00
N ASP C 158 5.78 8.29 -11.69
CA ASP C 158 5.01 8.97 -10.65
C ASP C 158 5.97 9.17 -9.47
N LYS C 159 6.87 10.14 -9.60
CA LYS C 159 7.86 10.39 -8.54
C LYS C 159 7.18 10.54 -7.20
N GLN C 160 6.13 11.36 -7.14
CA GLN C 160 5.23 11.34 -5.99
C GLN C 160 4.47 10.03 -6.01
N LYS C 161 4.55 9.27 -4.92
CA LYS C 161 3.94 7.95 -4.75
C LYS C 161 4.88 6.85 -5.25
N ASN C 162 6.07 7.18 -5.73
CA ASN C 162 7.12 6.19 -5.96
C ASN C 162 6.64 5.05 -6.88
N GLY C 163 5.86 5.40 -7.89
CA GLY C 163 5.34 4.40 -8.81
C GLY C 163 5.18 4.92 -10.23
N ILE C 164 4.35 4.24 -11.02
CA ILE C 164 4.10 4.64 -12.40
C ILE C 164 2.60 4.86 -12.57
N LYS C 165 2.26 5.58 -13.64
CA LYS C 165 0.89 5.71 -14.10
C LYS C 165 0.83 5.25 -15.55
N VAL C 166 -0.22 4.50 -15.89
CA VAL C 166 -0.36 3.91 -17.21
C VAL C 166 -1.75 4.24 -17.73
N ASN C 167 -1.83 4.72 -18.96
CA ASN C 167 -3.09 4.99 -19.62
C ASN C 167 -3.10 4.32 -20.98
N PHE C 168 -4.26 3.84 -21.40
CA PHE C 168 -4.45 3.30 -22.72
C PHE C 168 -5.93 3.02 -22.92
N LYS C 169 -6.34 2.94 -24.20
CA LYS C 169 -7.74 2.78 -24.56
C LYS C 169 -7.89 1.43 -25.27
N ILE C 170 -8.45 0.45 -24.56
CA ILE C 170 -8.77 -0.83 -25.18
C ILE C 170 -10.00 -0.67 -26.07
N ARG C 171 -10.04 -1.46 -27.13
CA ARG C 171 -11.11 -1.37 -28.13
C ARG C 171 -11.66 -2.78 -28.36
N HIS C 172 -12.77 -3.09 -27.70
CA HIS C 172 -13.42 -4.38 -27.90
C HIS C 172 -14.31 -4.32 -29.14
N ASN C 173 -14.22 -5.34 -29.98
CA ASN C 173 -15.05 -5.41 -31.17
C ASN C 173 -16.44 -5.93 -30.80
N ILE C 174 -17.46 -5.32 -31.41
CA ILE C 174 -18.86 -5.67 -31.16
C ILE C 174 -19.35 -6.51 -32.32
N GLU C 175 -20.34 -7.36 -32.05
CA GLU C 175 -20.82 -8.32 -33.04
C GLU C 175 -21.32 -7.61 -34.30
N ASP C 176 -21.92 -6.44 -34.16
CA ASP C 176 -22.57 -5.76 -35.27
C ASP C 176 -21.68 -4.77 -35.99
N GLY C 177 -20.36 -4.79 -35.73
CA GLY C 177 -19.39 -3.99 -36.46
C GLY C 177 -18.82 -2.84 -35.65
N SER C 178 -19.58 -2.31 -34.69
CA SER C 178 -19.12 -1.17 -33.91
C SER C 178 -17.94 -1.59 -33.03
N VAL C 179 -17.48 -0.66 -32.19
CA VAL C 179 -16.34 -0.89 -31.31
C VAL C 179 -16.67 -0.30 -29.94
N GLN C 180 -16.42 -1.07 -28.89
CA GLN C 180 -16.63 -0.62 -27.52
C GLN C 180 -15.27 -0.24 -26.92
N LEU C 181 -15.08 1.05 -26.66
CA LEU C 181 -13.84 1.52 -26.09
C LEU C 181 -13.84 1.31 -24.58
N ALA C 182 -12.64 1.26 -24.01
CA ALA C 182 -12.49 1.06 -22.57
C ALA C 182 -11.27 1.87 -22.12
N ASP C 183 -11.51 3.08 -21.61
CA ASP C 183 -10.43 3.92 -21.13
C ASP C 183 -9.85 3.34 -19.85
N HIS C 184 -8.59 2.92 -19.91
CA HIS C 184 -7.90 2.37 -18.75
C HIS C 184 -7.04 3.45 -18.11
N TYR C 185 -7.27 3.69 -16.82
CA TYR C 185 -6.47 4.62 -16.03
C TYR C 185 -5.79 3.79 -14.94
N GLN C 186 -4.59 3.33 -15.25
CA GLN C 186 -3.86 2.39 -14.42
C GLN C 186 -2.84 3.11 -13.55
N GLN C 187 -2.52 2.50 -12.41
CA GLN C 187 -1.69 3.13 -11.40
C GLN C 187 -1.03 2.03 -10.57
N ASN C 188 0.30 1.94 -10.64
CA ASN C 188 1.05 0.88 -9.99
C ASN C 188 1.99 1.49 -8.95
N THR C 189 1.95 0.95 -7.73
CA THR C 189 2.83 1.37 -6.66
C THR C 189 3.48 0.14 -6.02
N PRO C 190 4.75 0.20 -5.66
CA PRO C 190 5.43 -1.00 -5.16
C PRO C 190 5.00 -1.36 -3.75
N ILE C 191 5.02 -2.66 -3.47
CA ILE C 191 4.70 -3.15 -2.13
C ILE C 191 5.94 -3.06 -1.23
N GLY C 192 7.06 -3.59 -1.68
CA GLY C 192 8.27 -3.61 -0.89
C GLY C 192 8.79 -2.21 -0.60
N ASP C 193 9.82 -2.17 0.25
CA ASP C 193 10.46 -0.92 0.63
C ASP C 193 11.76 -0.67 -0.13
N GLY C 194 12.22 -1.61 -0.93
CA GLY C 194 13.46 -1.45 -1.65
C GLY C 194 13.34 -0.43 -2.76
N PRO C 195 14.40 -0.29 -3.54
CA PRO C 195 14.40 0.68 -4.63
C PRO C 195 13.65 0.18 -5.85
N VAL C 196 13.13 1.13 -6.63
CA VAL C 196 12.39 0.82 -7.85
C VAL C 196 12.85 1.75 -8.96
N LEU C 197 12.68 1.28 -10.20
CA LEU C 197 13.06 2.05 -11.39
C LEU C 197 11.88 2.91 -11.82
N LEU C 198 12.03 4.22 -11.72
CA LEU C 198 11.01 5.15 -12.21
C LEU C 198 11.35 5.51 -13.65
N PRO C 199 10.58 5.05 -14.64
CA PRO C 199 11.02 5.16 -16.03
C PRO C 199 10.70 6.50 -16.64
N ASP C 200 11.30 6.75 -17.80
CA ASP C 200 10.88 7.84 -18.65
C ASP C 200 9.64 7.44 -19.45
N ASN C 201 8.99 8.43 -20.04
CA ASN C 201 7.79 8.16 -20.82
C ASN C 201 8.10 7.21 -21.98
N HIS C 202 7.33 6.14 -22.08
CA HIS C 202 7.49 5.16 -23.13
C HIS C 202 6.16 4.43 -23.32
N TYR C 203 6.16 3.44 -24.20
CA TYR C 203 4.94 2.70 -24.50
C TYR C 203 5.26 1.22 -24.67
N LEU C 204 4.27 0.39 -24.36
CA LEU C 204 4.32 -1.03 -24.68
C LEU C 204 3.43 -1.31 -25.89
N SER C 205 3.90 -2.16 -26.78
CA SER C 205 3.13 -2.62 -27.92
C SER C 205 2.68 -4.06 -27.65
N THR C 206 1.38 -4.29 -27.69
CA THR C 206 0.79 -5.53 -27.22
C THR C 206 0.19 -6.33 -28.38
N GLN C 207 0.22 -7.65 -28.22
CA GLN C 207 -0.47 -8.58 -29.12
C GLN C 207 -1.12 -9.66 -28.27
N SER C 208 -2.27 -10.15 -28.74
CA SER C 208 -3.00 -11.16 -28.01
C SER C 208 -3.86 -11.96 -28.98
N ALA C 209 -4.21 -13.18 -28.55
CA ALA C 209 -5.06 -14.06 -29.34
C ALA C 209 -5.87 -14.93 -28.39
N LEU C 210 -7.19 -14.74 -28.38
CA LEU C 210 -8.09 -15.50 -27.53
C LEU C 210 -8.54 -16.76 -28.24
N SER C 211 -8.54 -17.88 -27.53
CA SER C 211 -8.87 -19.17 -28.12
C SER C 211 -9.56 -20.02 -27.07
N LYS C 212 -10.07 -21.17 -27.52
CA LYS C 212 -10.80 -22.10 -26.67
C LYS C 212 -10.10 -23.46 -26.68
N ASP C 213 -9.88 -24.02 -25.50
CA ASP C 213 -9.44 -25.40 -25.38
C ASP C 213 -10.60 -26.31 -25.74
N PRO C 214 -10.57 -27.03 -26.87
CA PRO C 214 -11.73 -27.85 -27.25
C PRO C 214 -12.02 -28.98 -26.29
N ASN C 215 -11.09 -29.33 -25.40
CA ASN C 215 -11.32 -30.36 -24.39
C ASN C 215 -11.75 -29.77 -23.06
N GLU C 216 -12.02 -28.47 -23.01
CA GLU C 216 -12.42 -27.78 -21.79
C GLU C 216 -13.89 -27.41 -21.92
N LYS C 217 -14.74 -28.07 -21.13
CA LYS C 217 -16.17 -27.84 -21.18
C LYS C 217 -16.65 -26.74 -20.25
N ARG C 218 -15.76 -26.18 -19.43
CA ARG C 218 -16.08 -25.03 -18.60
C ARG C 218 -15.92 -23.74 -19.41
N ASP C 219 -16.41 -22.64 -18.84
CA ASP C 219 -16.22 -21.33 -19.44
C ASP C 219 -14.78 -20.88 -19.17
N HIS C 220 -14.01 -20.70 -20.24
CA HIS C 220 -12.58 -20.50 -20.11
C HIS C 220 -12.10 -19.54 -21.18
N MET C 221 -10.85 -19.10 -21.04
CA MET C 221 -10.20 -18.27 -22.06
C MET C 221 -8.74 -18.69 -22.17
N VAL C 222 -8.40 -19.36 -23.27
CA VAL C 222 -7.00 -19.61 -23.60
C VAL C 222 -6.42 -18.33 -24.19
N LEU C 223 -5.27 -17.91 -23.66
CA LEU C 223 -4.70 -16.62 -24.02
C LEU C 223 -3.24 -16.78 -24.43
N LEU C 224 -2.92 -16.27 -25.61
CA LEU C 224 -1.54 -16.08 -26.06
C LEU C 224 -1.31 -14.59 -26.23
N GLU C 225 -0.20 -14.09 -25.67
CA GLU C 225 0.03 -12.66 -25.60
C GLU C 225 1.51 -12.34 -25.80
N PHE C 226 1.78 -11.26 -26.52
CA PHE C 226 3.13 -10.78 -26.76
C PHE C 226 3.18 -9.28 -26.46
N VAL C 227 4.11 -8.87 -25.60
CA VAL C 227 4.24 -7.48 -25.19
C VAL C 227 5.72 -7.11 -25.19
N THR C 228 6.01 -5.87 -25.59
CA THR C 228 7.38 -5.37 -25.60
C THR C 228 7.36 -3.88 -25.32
N ALA C 229 8.34 -3.41 -24.57
CA ALA C 229 8.49 -1.98 -24.32
C ALA C 229 9.29 -1.34 -25.45
N ALA C 230 9.00 -0.07 -25.71
CA ALA C 230 9.65 0.64 -26.80
C ALA C 230 9.43 2.14 -26.62
N GLY C 231 10.19 2.92 -27.38
CA GLY C 231 10.08 4.37 -27.36
C GLY C 231 11.25 5.09 -26.73
N ILE C 232 12.30 4.38 -26.33
CA ILE C 232 13.47 5.00 -25.70
C ILE C 232 14.72 4.34 -26.26
N THR C 233 15.59 5.12 -26.87
CA THR C 233 16.87 4.63 -27.36
C THR C 233 17.92 5.73 -27.28
N ASP D 5 1.16 -43.11 -16.15
CA ASP D 5 2.19 -42.31 -15.47
C ASP D 5 3.41 -42.11 -16.36
N LEU D 6 3.44 -42.82 -17.49
CA LEU D 6 4.57 -42.69 -18.41
C LEU D 6 4.59 -41.32 -19.07
N GLY D 7 3.43 -40.83 -19.51
CA GLY D 7 3.37 -39.53 -20.16
C GLY D 7 3.96 -38.43 -19.30
N LYS D 8 3.51 -38.33 -18.05
CA LYS D 8 4.02 -37.29 -17.16
C LYS D 8 5.52 -37.44 -16.95
N LYS D 9 6.01 -38.68 -16.82
CA LYS D 9 7.44 -38.90 -16.63
C LYS D 9 8.22 -38.60 -17.91
N LEU D 10 7.70 -39.01 -19.06
CA LEU D 10 8.36 -38.71 -20.32
C LEU D 10 8.42 -37.21 -20.56
N LEU D 11 7.33 -36.50 -20.29
CA LEU D 11 7.35 -35.04 -20.37
C LEU D 11 8.37 -34.46 -19.42
N GLU D 12 8.43 -34.97 -18.19
CA GLU D 12 9.38 -34.45 -17.21
C GLU D 12 10.81 -34.80 -17.57
N ALA D 13 11.03 -35.97 -18.20
CA ALA D 13 12.37 -36.34 -18.61
C ALA D 13 12.85 -35.46 -19.76
N ALA D 14 11.99 -35.20 -20.74
CA ALA D 14 12.34 -34.29 -21.83
C ALA D 14 12.52 -32.87 -21.29
N ARG D 15 11.72 -32.48 -20.30
CA ARG D 15 11.87 -31.16 -19.71
C ARG D 15 13.18 -31.05 -18.95
N ALA D 16 13.45 -31.98 -18.04
CA ALA D 16 14.69 -31.94 -17.27
C ALA D 16 15.91 -32.12 -18.16
N GLY D 17 15.76 -32.78 -19.30
CA GLY D 17 16.88 -33.06 -20.17
C GLY D 17 17.53 -34.41 -19.96
N GLN D 18 16.90 -35.31 -19.22
CA GLN D 18 17.45 -36.63 -18.92
C GLN D 18 17.22 -37.54 -20.11
N ASP D 19 18.14 -37.46 -21.08
CA ASP D 19 18.06 -38.31 -22.26
C ASP D 19 18.18 -39.78 -21.91
N ASP D 20 18.80 -40.11 -20.78
CA ASP D 20 18.91 -41.51 -20.38
C ASP D 20 17.55 -42.04 -19.91
N GLU D 21 16.67 -41.17 -19.42
CA GLU D 21 15.38 -41.61 -18.93
C GLU D 21 14.32 -41.66 -20.03
N VAL D 22 14.39 -40.76 -21.01
CA VAL D 22 13.47 -40.85 -22.15
C VAL D 22 13.75 -42.14 -22.92
N ARG D 23 15.01 -42.61 -22.87
CA ARG D 23 15.35 -43.87 -23.51
C ARG D 23 14.76 -45.05 -22.74
N ILE D 24 14.78 -44.98 -21.41
CA ILE D 24 14.17 -46.02 -20.59
C ILE D 24 12.66 -46.00 -20.73
N LEU D 25 12.07 -44.80 -20.64
CA LEU D 25 10.62 -44.68 -20.69
C LEU D 25 10.06 -45.10 -22.06
N MET D 26 10.79 -44.81 -23.13
CA MET D 26 10.34 -45.25 -24.45
C MET D 26 10.51 -46.75 -24.61
N ALA D 27 11.46 -47.35 -23.88
CA ALA D 27 11.55 -48.81 -23.85
C ALA D 27 10.41 -49.41 -23.02
N ASN D 28 9.83 -48.64 -22.10
CA ASN D 28 8.66 -49.08 -21.36
C ASN D 28 7.36 -48.90 -22.14
N GLY D 29 7.42 -48.30 -23.33
CA GLY D 29 6.23 -48.12 -24.13
C GLY D 29 5.54 -46.79 -23.97
N ALA D 30 6.21 -45.79 -23.41
CA ALA D 30 5.60 -44.47 -23.27
C ALA D 30 5.17 -43.94 -24.64
N ASP D 31 4.08 -43.19 -24.66
CA ASP D 31 3.60 -42.57 -25.88
C ASP D 31 4.46 -41.34 -26.17
N VAL D 32 5.18 -41.38 -27.29
CA VAL D 32 6.04 -40.27 -27.65
C VAL D 32 5.24 -39.00 -27.91
N ASN D 33 3.96 -39.14 -28.28
CA ASN D 33 3.09 -38.01 -28.55
C ASN D 33 2.21 -37.65 -27.36
N ALA D 34 2.61 -38.05 -26.16
CA ALA D 34 1.86 -37.68 -24.96
C ALA D 34 1.70 -36.16 -24.88
N ALA D 35 0.55 -35.72 -24.38
CA ALA D 35 0.25 -34.30 -24.26
C ALA D 35 -0.29 -34.01 -22.86
N ASP D 36 0.15 -32.89 -22.30
CA ASP D 36 -0.26 -32.48 -20.96
C ASP D 36 -1.63 -31.78 -21.05
N ASP D 37 -2.00 -31.08 -19.96
CA ASP D 37 -3.26 -30.34 -19.93
C ASP D 37 -3.35 -29.33 -21.06
N VAL D 38 -2.22 -28.91 -21.61
CA VAL D 38 -2.14 -27.74 -22.47
C VAL D 38 -1.78 -28.11 -23.91
N GLY D 39 -1.43 -29.36 -24.19
CA GLY D 39 -0.99 -29.75 -25.51
C GLY D 39 0.50 -29.80 -25.68
N VAL D 40 1.27 -29.57 -24.61
CA VAL D 40 2.72 -29.72 -24.69
C VAL D 40 3.07 -31.19 -24.76
N THR D 41 3.88 -31.57 -25.73
CA THR D 41 4.39 -32.91 -25.87
C THR D 41 5.88 -32.92 -25.54
N PRO D 42 6.46 -34.11 -25.35
CA PRO D 42 7.91 -34.17 -25.05
C PRO D 42 8.74 -33.41 -26.07
N LEU D 43 8.29 -33.35 -27.32
CA LEU D 43 9.06 -32.65 -28.35
C LEU D 43 9.03 -31.14 -28.13
N HIS D 44 7.90 -30.59 -27.67
CA HIS D 44 7.86 -29.17 -27.33
C HIS D 44 8.89 -28.85 -26.26
N LEU D 45 8.85 -29.57 -25.14
CA LEU D 45 9.76 -29.30 -24.03
C LEU D 45 11.21 -29.48 -24.46
N ALA D 46 11.51 -30.61 -25.12
CA ALA D 46 12.87 -30.84 -25.59
C ALA D 46 13.32 -29.72 -26.52
N ALA D 47 12.43 -29.27 -27.40
CA ALA D 47 12.78 -28.19 -28.33
C ALA D 47 13.00 -26.87 -27.58
N GLN D 48 12.07 -26.50 -26.70
CA GLN D 48 12.14 -25.21 -26.05
C GLN D 48 13.34 -25.10 -25.13
N ARG D 49 13.55 -26.08 -24.26
CA ARG D 49 14.60 -26.03 -23.26
C ARG D 49 15.96 -26.49 -23.79
N GLY D 50 16.15 -26.51 -25.11
CA GLY D 50 17.44 -26.80 -25.70
C GLY D 50 17.99 -28.17 -25.35
N HIS D 51 17.28 -29.21 -25.75
CA HIS D 51 17.70 -30.60 -25.52
C HIS D 51 17.75 -31.29 -26.88
N LEU D 52 18.90 -31.19 -27.55
CA LEU D 52 19.00 -31.63 -28.93
C LEU D 52 18.95 -33.15 -29.06
N GLU D 53 19.74 -33.85 -28.24
CA GLU D 53 19.74 -35.31 -28.30
C GLU D 53 18.34 -35.88 -28.11
N ILE D 54 17.57 -35.30 -27.18
CA ILE D 54 16.22 -35.79 -26.93
C ILE D 54 15.32 -35.49 -28.12
N VAL D 55 15.51 -34.34 -28.78
CA VAL D 55 14.74 -34.03 -29.98
C VAL D 55 15.00 -35.09 -31.04
N GLU D 56 16.28 -35.36 -31.32
CA GLU D 56 16.62 -36.38 -32.31
C GLU D 56 16.07 -37.74 -31.90
N VAL D 57 16.15 -38.08 -30.62
CA VAL D 57 15.61 -39.35 -30.14
C VAL D 57 14.10 -39.37 -30.34
N LEU D 58 13.40 -38.34 -29.86
CA LEU D 58 11.95 -38.31 -29.97
C LEU D 58 11.50 -38.38 -31.43
N LEU D 59 12.05 -37.52 -32.27
CA LEU D 59 11.68 -37.53 -33.68
C LEU D 59 11.88 -38.91 -34.29
N LYS D 60 13.00 -39.56 -33.99
CA LYS D 60 13.24 -40.90 -34.51
C LYS D 60 12.29 -41.93 -33.92
N TYR D 61 11.73 -41.66 -32.74
CA TYR D 61 10.71 -42.52 -32.15
C TYR D 61 9.31 -42.25 -32.72
N GLY D 62 9.17 -41.29 -33.62
CA GLY D 62 7.89 -40.99 -34.23
C GLY D 62 7.17 -39.79 -33.69
N ALA D 63 7.85 -38.92 -32.94
CA ALA D 63 7.19 -37.74 -32.40
C ALA D 63 6.63 -36.88 -33.53
N ASP D 64 5.40 -36.41 -33.33
CA ASP D 64 4.77 -35.50 -34.29
C ASP D 64 5.53 -34.18 -34.28
N VAL D 65 6.24 -33.90 -35.38
CA VAL D 65 7.04 -32.67 -35.45
C VAL D 65 6.16 -31.43 -35.50
N ASN D 66 4.91 -31.57 -35.94
CA ASN D 66 4.00 -30.44 -36.11
C ASN D 66 2.86 -30.46 -35.09
N ALA D 67 3.12 -30.96 -33.89
CA ALA D 67 2.12 -30.91 -32.83
C ALA D 67 1.98 -29.47 -32.32
N ALA D 68 0.75 -29.04 -32.14
CA ALA D 68 0.44 -27.68 -31.70
C ALA D 68 -0.19 -27.69 -30.32
N ASP D 69 0.37 -26.89 -29.42
CA ASP D 69 -0.21 -26.73 -28.10
C ASP D 69 -1.46 -25.85 -28.19
N LEU D 70 -2.03 -25.54 -27.02
CA LEU D 70 -3.29 -24.79 -27.01
C LEU D 70 -3.15 -23.42 -27.66
N TRP D 71 -1.94 -22.86 -27.66
CA TRP D 71 -1.69 -21.57 -28.29
C TRP D 71 -1.14 -21.70 -29.70
N GLY D 72 -1.38 -22.83 -30.35
CA GLY D 72 -0.93 -23.04 -31.71
C GLY D 72 0.57 -23.19 -31.88
N GLN D 73 1.35 -23.19 -30.80
CA GLN D 73 2.80 -23.25 -30.90
C GLN D 73 3.25 -24.68 -31.19
N THR D 74 4.16 -24.82 -32.13
CA THR D 74 4.82 -26.08 -32.43
C THR D 74 6.23 -26.08 -31.87
N PRO D 75 6.88 -27.24 -31.81
CA PRO D 75 8.28 -27.26 -31.36
C PRO D 75 9.17 -26.31 -32.15
N LEU D 76 8.85 -26.09 -33.43
CA LEU D 76 9.62 -25.13 -34.21
C LEU D 76 9.39 -23.71 -33.70
N HIS D 77 8.14 -23.35 -33.40
CA HIS D 77 7.86 -22.05 -32.81
C HIS D 77 8.68 -21.83 -31.54
N LEU D 78 8.66 -22.82 -30.63
CA LEU D 78 9.38 -22.69 -29.37
C LEU D 78 10.88 -22.69 -29.60
N ALA D 79 11.36 -23.50 -30.56
CA ALA D 79 12.80 -23.56 -30.81
C ALA D 79 13.30 -22.31 -31.50
N ALA D 80 12.51 -21.77 -32.43
CA ALA D 80 12.89 -20.51 -33.07
C ALA D 80 12.97 -19.38 -32.04
N THR D 81 12.06 -19.37 -31.07
CA THR D 81 12.06 -18.31 -30.07
C THR D 81 13.22 -18.49 -29.10
N ALA D 82 13.34 -19.67 -28.50
CA ALA D 82 14.41 -19.93 -27.54
C ALA D 82 15.79 -19.80 -28.18
N GLY D 83 15.89 -19.84 -29.50
CA GLY D 83 17.16 -19.67 -30.17
C GLY D 83 18.03 -20.90 -30.11
N HIS D 84 17.49 -22.05 -30.52
CA HIS D 84 18.22 -23.31 -30.56
C HIS D 84 18.38 -23.71 -32.03
N LEU D 85 19.52 -23.29 -32.61
CA LEU D 85 19.73 -23.43 -34.05
C LEU D 85 19.69 -24.90 -34.47
N GLU D 86 20.57 -25.72 -33.88
CA GLU D 86 20.63 -27.12 -34.26
C GLU D 86 19.25 -27.77 -34.21
N ILE D 87 18.51 -27.55 -33.12
CA ILE D 87 17.17 -28.11 -32.99
C ILE D 87 16.29 -27.64 -34.14
N VAL D 88 16.33 -26.34 -34.46
CA VAL D 88 15.53 -25.83 -35.58
C VAL D 88 15.85 -26.59 -36.86
N GLU D 89 17.13 -26.76 -37.15
CA GLU D 89 17.52 -27.46 -38.38
C GLU D 89 17.05 -28.91 -38.36
N VAL D 90 17.15 -29.57 -37.20
CA VAL D 90 16.66 -30.95 -37.09
C VAL D 90 15.15 -30.99 -37.30
N LEU D 91 14.42 -30.08 -36.65
CA LEU D 91 12.97 -30.01 -36.86
C LEU D 91 12.63 -29.77 -38.32
N LEU D 92 13.35 -28.83 -38.97
CA LEU D 92 13.12 -28.57 -40.38
C LEU D 92 13.52 -29.76 -41.24
N LYS D 93 14.57 -30.48 -40.85
CA LYS D 93 14.99 -31.67 -41.59
C LYS D 93 13.95 -32.79 -41.48
N ASN D 94 13.17 -32.80 -40.40
CA ASN D 94 12.19 -33.85 -40.16
C ASN D 94 10.76 -33.43 -40.51
N GLY D 95 10.61 -32.45 -41.40
CA GLY D 95 9.30 -32.11 -41.93
C GLY D 95 8.52 -31.08 -41.14
N ALA D 96 9.18 -30.30 -40.28
CA ALA D 96 8.48 -29.27 -39.53
C ALA D 96 7.96 -28.19 -40.47
N ASP D 97 6.68 -27.84 -40.32
CA ASP D 97 6.08 -26.79 -41.13
C ASP D 97 6.78 -25.46 -40.85
N VAL D 98 7.52 -24.95 -41.84
CA VAL D 98 8.29 -23.73 -41.64
C VAL D 98 7.38 -22.52 -41.44
N ASN D 99 6.13 -22.59 -41.88
CA ASN D 99 5.19 -21.47 -41.80
C ASN D 99 3.97 -21.84 -40.97
N ALA D 100 4.17 -22.65 -39.92
CA ALA D 100 3.09 -22.91 -38.98
C ALA D 100 2.72 -21.62 -38.24
N ARG D 101 1.46 -21.51 -37.86
CA ARG D 101 0.92 -20.31 -37.25
C ARG D 101 0.54 -20.59 -35.80
N ASP D 102 1.06 -19.79 -34.88
CA ASP D 102 0.53 -19.73 -33.54
C ASP D 102 -0.78 -18.94 -33.55
N ASN D 103 -1.43 -18.85 -32.40
CA ASN D 103 -2.76 -18.26 -32.35
C ASN D 103 -2.74 -16.79 -32.78
N ILE D 104 -1.64 -16.08 -32.54
CA ILE D 104 -1.51 -14.70 -33.02
C ILE D 104 -1.21 -14.65 -34.51
N GLY D 105 -0.82 -15.77 -35.12
CA GLY D 105 -0.42 -15.78 -36.51
C GLY D 105 1.07 -15.67 -36.74
N HIS D 106 1.87 -15.74 -35.69
CA HIS D 106 3.32 -15.70 -35.85
C HIS D 106 3.81 -16.98 -36.53
N THR D 107 4.63 -16.81 -37.55
CA THR D 107 5.38 -17.93 -38.09
C THR D 107 6.69 -18.09 -37.34
N PRO D 108 7.36 -19.24 -37.46
CA PRO D 108 8.71 -19.35 -36.89
C PRO D 108 9.60 -18.17 -37.29
N LEU D 109 9.43 -17.67 -38.51
CA LEU D 109 10.20 -16.50 -38.94
C LEU D 109 9.86 -15.27 -38.10
N HIS D 110 8.56 -15.05 -37.84
CA HIS D 110 8.17 -13.95 -36.96
C HIS D 110 8.87 -14.05 -35.61
N LEU D 111 8.81 -15.23 -34.99
CA LEU D 111 9.38 -15.39 -33.65
C LEU D 111 10.90 -15.22 -33.67
N ALA D 112 11.57 -15.81 -34.66
CA ALA D 112 13.02 -15.64 -34.77
C ALA D 112 13.36 -14.17 -34.94
N ALA D 113 12.68 -13.48 -35.86
CA ALA D 113 12.90 -12.05 -36.03
C ALA D 113 12.51 -11.28 -34.77
N TRP D 114 11.46 -11.74 -34.09
CA TRP D 114 11.05 -11.11 -32.84
C TRP D 114 12.10 -11.30 -31.76
N ALA D 115 12.68 -12.50 -31.66
CA ALA D 115 13.61 -12.83 -30.60
C ALA D 115 15.04 -12.42 -30.92
N GLY D 116 15.30 -11.85 -32.09
CA GLY D 116 16.64 -11.42 -32.43
C GLY D 116 17.62 -12.55 -32.70
N HIS D 117 17.18 -13.59 -33.39
CA HIS D 117 18.00 -14.75 -33.70
C HIS D 117 18.30 -14.74 -35.20
N LEU D 118 19.45 -14.18 -35.56
CA LEU D 118 19.80 -14.00 -36.98
C LEU D 118 20.02 -15.34 -37.66
N GLU D 119 20.83 -16.22 -37.05
CA GLU D 119 21.12 -17.49 -37.68
C GLU D 119 19.87 -18.35 -37.86
N ILE D 120 18.88 -18.20 -36.97
CA ILE D 120 17.60 -18.88 -37.17
C ILE D 120 16.91 -18.32 -38.40
N VAL D 121 16.78 -17.00 -38.48
CA VAL D 121 16.15 -16.36 -39.64
C VAL D 121 16.74 -16.92 -40.92
N GLU D 122 18.08 -17.00 -40.99
CA GLU D 122 18.75 -17.46 -42.20
C GLU D 122 18.32 -18.88 -42.54
N VAL D 123 18.30 -19.77 -41.55
CA VAL D 123 17.91 -21.15 -41.78
C VAL D 123 16.46 -21.23 -42.25
N LEU D 124 15.56 -20.58 -41.49
CA LEU D 124 14.15 -20.60 -41.85
C LEU D 124 13.94 -20.10 -43.28
N LEU D 125 14.60 -18.99 -43.63
CA LEU D 125 14.50 -18.48 -45.00
C LEU D 125 14.92 -19.54 -46.02
N LYS D 126 16.02 -20.23 -45.75
CA LYS D 126 16.52 -21.21 -46.70
C LYS D 126 15.55 -22.38 -46.87
N TYR D 127 14.80 -22.72 -45.82
CA TYR D 127 13.87 -23.83 -45.86
C TYR D 127 12.47 -23.43 -46.31
N GLY D 128 12.29 -22.21 -46.80
CA GLY D 128 11.05 -21.80 -47.40
C GLY D 128 10.18 -20.87 -46.57
N ALA D 129 10.74 -20.19 -45.58
CA ALA D 129 9.95 -19.28 -44.77
C ALA D 129 9.40 -18.15 -45.64
N ASP D 130 8.10 -17.88 -45.49
CA ASP D 130 7.44 -16.81 -46.23
C ASP D 130 7.81 -15.48 -45.61
N VAL D 131 8.68 -14.72 -46.27
CA VAL D 131 9.12 -13.44 -45.72
C VAL D 131 7.99 -12.44 -45.66
N ASN D 132 6.94 -12.61 -46.47
CA ASN D 132 5.82 -11.71 -46.51
C ASN D 132 4.66 -12.14 -45.61
N ALA D 133 4.87 -13.18 -44.79
CA ALA D 133 3.81 -13.62 -43.90
C ALA D 133 3.41 -12.51 -42.94
N GLN D 134 2.11 -12.44 -42.64
CA GLN D 134 1.57 -11.46 -41.73
C GLN D 134 0.85 -12.17 -40.60
N ASP D 135 1.19 -11.82 -39.36
CA ASP D 135 0.39 -12.27 -38.23
C ASP D 135 -0.96 -11.58 -38.25
N LYS D 136 -1.84 -11.97 -37.33
CA LYS D 136 -3.18 -11.41 -37.39
C LYS D 136 -3.24 -9.95 -36.91
N PHE D 137 -2.11 -9.28 -36.75
CA PHE D 137 -2.07 -7.84 -36.52
C PHE D 137 -1.33 -7.11 -37.64
N GLY D 138 -1.13 -7.77 -38.78
CA GLY D 138 -0.57 -7.13 -39.96
C GLY D 138 0.95 -7.04 -39.99
N LYS D 139 1.63 -7.46 -38.93
CA LYS D 139 3.08 -7.33 -38.88
C LYS D 139 3.76 -8.46 -39.65
N THR D 140 4.75 -8.12 -40.46
CA THR D 140 5.64 -9.09 -41.07
C THR D 140 6.86 -9.29 -40.19
N PRO D 141 7.62 -10.37 -40.41
CA PRO D 141 8.85 -10.54 -39.62
C PRO D 141 9.78 -9.34 -39.72
N PHE D 142 9.76 -8.64 -40.85
CA PHE D 142 10.49 -7.39 -40.98
C PHE D 142 10.00 -6.37 -39.97
N ASP D 143 8.69 -6.12 -39.93
CA ASP D 143 8.13 -5.14 -39.00
C ASP D 143 8.50 -5.49 -37.57
N LEU D 144 8.38 -6.75 -37.19
CA LEU D 144 8.79 -7.17 -35.84
C LEU D 144 10.27 -6.93 -35.64
N ALA D 145 11.09 -7.24 -36.66
CA ALA D 145 12.51 -6.94 -36.58
C ALA D 145 12.78 -5.44 -36.54
N ILE D 146 11.85 -4.63 -37.03
CA ILE D 146 12.02 -3.17 -37.00
C ILE D 146 11.60 -2.63 -35.64
N ASP D 147 10.43 -3.05 -35.14
CA ASP D 147 9.93 -2.52 -33.88
C ASP D 147 10.93 -2.71 -32.75
N ASN D 148 11.86 -3.64 -32.88
CA ASN D 148 13.00 -3.76 -31.97
C ASN D 148 14.27 -3.47 -32.75
N GLY D 149 15.34 -3.15 -32.02
CA GLY D 149 16.60 -2.82 -32.64
C GLY D 149 17.32 -4.01 -33.26
N ASN D 150 16.61 -4.78 -34.08
CA ASN D 150 17.19 -5.93 -34.77
C ASN D 150 17.51 -5.50 -36.20
N GLU D 151 18.59 -4.74 -36.33
CA GLU D 151 18.93 -4.15 -37.63
C GLU D 151 19.37 -5.21 -38.62
N ASP D 152 20.29 -6.08 -38.22
CA ASP D 152 20.79 -7.10 -39.13
C ASP D 152 19.67 -7.97 -39.67
N ILE D 153 18.72 -8.35 -38.81
CA ILE D 153 17.61 -9.19 -39.26
C ILE D 153 16.72 -8.42 -40.22
N ALA D 154 16.39 -7.17 -39.88
CA ALA D 154 15.59 -6.34 -40.78
C ALA D 154 16.31 -6.16 -42.12
N GLU D 155 17.62 -5.90 -42.08
CA GLU D 155 18.39 -5.76 -43.31
C GLU D 155 18.29 -7.03 -44.15
N VAL D 156 18.46 -8.20 -43.51
CA VAL D 156 18.40 -9.46 -44.25
C VAL D 156 16.99 -9.71 -44.77
N LEU D 157 15.97 -9.43 -43.95
CA LEU D 157 14.60 -9.69 -44.38
C LEU D 157 14.21 -8.79 -45.55
N GLN D 158 14.58 -7.51 -45.49
CA GLN D 158 14.24 -6.60 -46.58
C GLN D 158 14.93 -7.03 -47.87
N LYS D 159 16.19 -7.49 -47.76
CA LYS D 159 16.90 -7.94 -48.95
C LYS D 159 16.29 -9.22 -49.51
N ALA D 160 15.80 -10.10 -48.64
CA ALA D 160 15.08 -11.27 -49.10
C ALA D 160 13.86 -10.89 -49.91
N ALA D 161 13.30 -9.70 -49.66
CA ALA D 161 12.19 -9.16 -50.44
C ALA D 161 11.06 -10.17 -50.59
N ASP D 169 2.85 4.29 -48.43
CA ASP D 169 4.20 3.73 -48.36
C ASP D 169 4.93 4.32 -47.16
N VAL D 170 5.45 5.55 -47.30
CA VAL D 170 5.91 6.29 -46.13
C VAL D 170 4.77 6.65 -45.20
N ASN D 171 3.53 6.53 -45.67
CA ASN D 171 2.34 6.69 -44.84
C ASN D 171 1.74 5.35 -44.44
N ALA D 172 2.47 4.25 -44.64
CA ALA D 172 2.00 2.94 -44.21
C ALA D 172 1.59 2.98 -42.75
N TYR D 173 0.45 2.38 -42.43
CA TYR D 173 -0.10 2.40 -41.09
C TYR D 173 -0.50 0.99 -40.69
N ASP D 174 -0.06 0.56 -39.51
CA ASP D 174 -0.36 -0.77 -39.00
C ASP D 174 -1.79 -0.80 -38.46
N GLU D 175 -2.14 -1.84 -37.71
CA GLU D 175 -3.50 -1.99 -37.21
C GLU D 175 -3.85 -1.00 -36.10
N VAL D 176 -2.86 -0.34 -35.50
CA VAL D 176 -3.12 0.72 -34.52
C VAL D 176 -2.93 2.10 -35.12
N GLY D 177 -2.83 2.20 -36.45
CA GLY D 177 -2.75 3.48 -37.12
C GLY D 177 -1.39 4.16 -37.03
N TRP D 178 -0.35 3.47 -36.59
CA TRP D 178 0.96 4.07 -36.45
C TRP D 178 1.72 4.01 -37.78
N THR D 179 2.20 5.16 -38.21
CA THR D 179 3.02 5.28 -39.41
C THR D 179 4.49 5.37 -39.01
N PRO D 180 5.40 5.25 -39.99
CA PRO D 180 6.82 5.43 -39.66
C PRO D 180 7.09 6.72 -38.91
N LEU D 181 6.28 7.75 -39.13
CA LEU D 181 6.46 9.01 -38.43
C LEU D 181 6.09 8.89 -36.96
N HIS D 182 5.05 8.12 -36.65
CA HIS D 182 4.69 7.88 -35.25
C HIS D 182 5.81 7.17 -34.51
N ARG D 183 6.46 6.20 -35.16
CA ARG D 183 7.58 5.50 -34.54
C ARG D 183 8.79 6.42 -34.44
N ALA D 184 9.11 7.13 -35.52
CA ALA D 184 10.26 8.03 -35.50
C ALA D 184 10.10 9.15 -34.47
N ALA D 185 8.86 9.49 -34.10
CA ALA D 185 8.64 10.59 -33.17
C ALA D 185 9.26 10.33 -31.80
N TRP D 186 9.57 9.09 -31.47
CA TRP D 186 10.09 8.75 -30.15
C TRP D 186 11.61 8.94 -30.05
N GLY D 187 12.12 10.04 -30.56
CA GLY D 187 13.53 10.37 -30.44
C GLY D 187 14.38 10.06 -31.65
N HIS D 188 13.81 10.02 -32.85
CA HIS D 188 14.56 9.77 -34.08
C HIS D 188 14.43 10.99 -34.96
N LEU D 189 15.22 12.02 -34.65
CA LEU D 189 15.10 13.29 -35.36
C LEU D 189 15.42 13.13 -36.85
N GLU D 190 16.61 12.60 -37.17
CA GLU D 190 17.00 12.45 -38.57
C GLU D 190 15.95 11.66 -39.34
N LEU D 191 15.37 10.63 -38.72
CA LEU D 191 14.35 9.85 -39.39
C LEU D 191 13.11 10.70 -39.68
N VAL D 192 12.70 11.52 -38.71
CA VAL D 192 11.54 12.39 -38.91
C VAL D 192 11.78 13.30 -40.10
N GLU D 193 12.93 13.97 -40.13
CA GLU D 193 13.23 14.88 -41.23
C GLU D 193 13.21 14.16 -42.57
N LYS D 194 13.72 12.93 -42.61
CA LYS D 194 13.68 12.16 -43.85
C LYS D 194 12.24 11.85 -44.27
N LEU D 195 11.44 11.35 -43.32
CA LEU D 195 10.07 10.97 -43.65
C LEU D 195 9.25 12.17 -44.10
N LEU D 196 9.29 13.26 -43.33
CA LEU D 196 8.57 14.47 -43.74
C LEU D 196 9.04 14.94 -45.10
N LYS D 197 10.35 14.92 -45.34
CA LYS D 197 10.87 15.32 -46.65
C LYS D 197 10.35 14.42 -47.76
N ASN D 198 10.10 13.15 -47.46
CA ASN D 198 9.60 12.20 -48.44
C ASN D 198 8.09 12.25 -48.61
N GLY D 199 7.40 13.13 -47.89
CA GLY D 199 5.98 13.28 -48.02
C GLY D 199 5.13 12.60 -46.96
N ALA D 200 5.67 12.39 -45.77
CA ALA D 200 4.91 11.76 -44.71
C ALA D 200 3.80 12.69 -44.21
N ASP D 201 2.62 12.12 -44.02
CA ASP D 201 1.48 12.87 -43.48
C ASP D 201 1.81 13.29 -42.05
N VAL D 202 2.13 14.58 -41.87
CA VAL D 202 2.53 15.06 -40.56
C VAL D 202 1.38 15.02 -39.56
N ASN D 203 0.14 14.97 -40.02
CA ASN D 203 -1.04 15.00 -39.15
C ASN D 203 -1.76 13.66 -39.08
N ALA D 204 -1.08 12.58 -39.46
CA ALA D 204 -1.70 11.25 -39.38
C ALA D 204 -2.09 10.94 -37.94
N ALA D 205 -3.36 10.62 -37.74
CA ALA D 205 -3.87 10.28 -36.42
C ALA D 205 -3.98 8.76 -36.29
N ASP D 206 -3.40 8.21 -35.23
CA ASP D 206 -3.41 6.77 -35.02
C ASP D 206 -4.81 6.32 -34.59
N ILE D 207 -4.90 5.09 -34.08
CA ILE D 207 -6.20 4.56 -33.70
C ILE D 207 -6.77 5.33 -32.50
N ASP D 208 -5.91 5.86 -31.64
CA ASP D 208 -6.32 6.62 -30.48
C ASP D 208 -6.39 8.12 -30.76
N GLY D 209 -6.22 8.53 -32.01
CA GLY D 209 -6.26 9.93 -32.36
C GLY D 209 -4.98 10.70 -32.09
N TYR D 210 -3.89 10.01 -31.76
CA TYR D 210 -2.62 10.67 -31.47
C TYR D 210 -1.85 10.88 -32.78
N THR D 211 -1.39 12.10 -32.98
CA THR D 211 -0.50 12.43 -34.09
C THR D 211 0.95 12.31 -33.65
N PRO D 212 1.89 12.32 -34.59
CA PRO D 212 3.31 12.32 -34.18
C PRO D 212 3.66 13.47 -33.27
N LEU D 213 2.95 14.60 -33.38
CA LEU D 213 3.19 15.73 -32.49
C LEU D 213 2.76 15.40 -31.07
N HIS D 214 1.63 14.72 -30.90
CA HIS D 214 1.24 14.24 -29.58
C HIS D 214 2.35 13.38 -28.98
N LEU D 215 2.77 12.35 -29.72
CA LEU D 215 3.80 11.45 -29.22
C LEU D 215 5.10 12.20 -28.94
N ALA D 216 5.42 13.17 -29.79
CA ALA D 216 6.65 13.95 -29.60
C ALA D 216 6.58 14.80 -28.34
N ALA D 217 5.41 15.39 -28.06
CA ALA D 217 5.23 16.13 -26.82
C ALA D 217 5.17 15.21 -25.62
N PHE D 218 4.55 14.04 -25.78
CA PHE D 218 4.51 13.07 -24.69
C PHE D 218 5.90 12.56 -24.36
N SER D 219 6.75 12.39 -25.38
CA SER D 219 8.11 11.93 -25.15
C SER D 219 8.99 13.03 -24.57
N GLY D 220 8.81 14.27 -25.05
CA GLY D 220 9.64 15.38 -24.62
C GLY D 220 10.82 15.61 -25.53
N HIS D 221 10.58 15.50 -26.84
CA HIS D 221 11.63 15.67 -27.85
C HIS D 221 11.40 17.01 -28.54
N LEU D 222 12.10 18.04 -28.06
CA LEU D 222 11.86 19.40 -28.55
C LEU D 222 12.15 19.52 -30.04
N GLU D 223 13.25 18.93 -30.50
CA GLU D 223 13.65 19.12 -31.89
C GLU D 223 12.65 18.47 -32.84
N ILE D 224 12.06 17.35 -32.43
CA ILE D 224 11.06 16.69 -33.28
C ILE D 224 9.77 17.50 -33.30
N VAL D 225 9.43 18.16 -32.19
CA VAL D 225 8.24 19.00 -32.17
C VAL D 225 8.40 20.18 -33.13
N GLU D 226 9.58 20.81 -33.12
CA GLU D 226 9.80 21.97 -33.97
C GLU D 226 9.74 21.58 -35.45
N VAL D 227 10.39 20.47 -35.82
CA VAL D 227 10.36 20.04 -37.21
C VAL D 227 8.93 19.72 -37.63
N LEU D 228 8.19 19.00 -36.79
CA LEU D 228 6.80 18.69 -37.12
C LEU D 228 6.00 19.97 -37.33
N LEU D 229 6.15 20.94 -36.43
CA LEU D 229 5.45 22.22 -36.59
C LEU D 229 5.94 22.96 -37.82
N LYS D 230 7.25 22.88 -38.11
CA LYS D 230 7.77 23.48 -39.33
C LYS D 230 7.14 22.89 -40.58
N TYR D 231 6.63 21.66 -40.51
CA TYR D 231 6.05 20.98 -41.66
C TYR D 231 4.52 21.01 -41.65
N GLY D 232 3.93 21.89 -40.85
CA GLY D 232 2.49 22.07 -40.87
C GLY D 232 1.69 21.20 -39.93
N ALA D 233 2.31 20.72 -38.84
CA ALA D 233 1.60 19.85 -37.91
C ALA D 233 0.50 20.64 -37.19
N ASP D 234 -0.71 20.07 -37.17
CA ASP D 234 -1.82 20.68 -36.46
C ASP D 234 -1.47 20.83 -34.99
N VAL D 235 -1.19 22.06 -34.56
CA VAL D 235 -0.74 22.30 -33.19
C VAL D 235 -1.83 22.02 -32.17
N ASN D 236 -3.10 21.97 -32.59
CA ASN D 236 -4.21 21.77 -31.67
C ASN D 236 -5.03 20.54 -32.06
N ALA D 237 -4.37 19.41 -32.28
CA ALA D 237 -5.06 18.20 -32.70
C ALA D 237 -5.71 17.53 -31.50
N ASP D 238 -7.02 17.30 -31.58
CA ASP D 238 -7.74 16.51 -30.59
C ASP D 238 -8.59 15.47 -31.30
N ASP D 239 -9.74 15.87 -31.81
CA ASP D 239 -10.62 14.93 -32.50
C ASP D 239 -10.88 13.72 -31.61
N GLN D 240 -10.58 12.51 -32.09
CA GLN D 240 -10.81 11.33 -31.27
C GLN D 240 -9.93 11.32 -30.03
N ALA D 241 -8.73 11.86 -30.12
CA ALA D 241 -7.87 11.99 -28.95
C ALA D 241 -8.48 12.95 -27.94
N GLY D 242 -8.07 12.80 -26.68
CA GLY D 242 -8.55 13.65 -25.61
C GLY D 242 -7.56 14.67 -25.09
N PHE D 243 -6.45 14.90 -25.79
CA PHE D 243 -5.44 15.86 -25.36
C PHE D 243 -4.86 16.55 -26.58
N THR D 244 -4.64 17.86 -26.46
CA THR D 244 -3.84 18.56 -27.43
C THR D 244 -2.37 18.40 -27.09
N PRO D 245 -1.48 18.64 -28.05
CA PRO D 245 -0.04 18.61 -27.72
C PRO D 245 0.30 19.51 -26.55
N LEU D 246 -0.40 20.63 -26.39
CA LEU D 246 -0.13 21.53 -25.29
C LEU D 246 -0.53 20.90 -23.95
N HIS D 247 -1.65 20.17 -23.92
CA HIS D 247 -2.03 19.45 -22.71
C HIS D 247 -0.91 18.51 -22.27
N LEU D 248 -0.42 17.68 -23.18
CA LEU D 248 0.63 16.72 -22.83
C LEU D 248 1.89 17.43 -22.35
N ALA D 249 2.34 18.44 -23.09
CA ALA D 249 3.56 19.16 -22.72
C ALA D 249 3.43 19.78 -21.34
N ALA D 250 2.22 20.20 -20.95
CA ALA D 250 2.02 20.77 -19.63
C ALA D 250 2.03 19.69 -18.55
N ILE D 251 1.49 18.51 -18.86
CA ILE D 251 1.46 17.43 -17.87
C ILE D 251 2.87 17.06 -17.45
N PHE D 252 3.77 16.89 -18.41
CA PHE D 252 5.07 16.29 -18.17
C PHE D 252 6.19 17.31 -18.04
N GLY D 253 5.87 18.54 -17.66
CA GLY D 253 6.89 19.50 -17.28
C GLY D 253 7.91 19.80 -18.36
N HIS D 254 7.47 19.87 -19.62
CA HIS D 254 8.36 20.21 -20.73
C HIS D 254 8.11 21.67 -21.09
N LEU D 255 8.89 22.56 -20.44
CA LEU D 255 8.68 23.99 -20.62
C LEU D 255 8.99 24.42 -22.05
N GLU D 256 10.13 24.00 -22.59
CA GLU D 256 10.52 24.43 -23.93
C GLU D 256 9.53 23.97 -24.98
N ILE D 257 8.84 22.84 -24.73
CA ILE D 257 7.79 22.41 -25.64
C ILE D 257 6.61 23.38 -25.59
N VAL D 258 6.21 23.76 -24.39
CA VAL D 258 5.08 24.67 -24.22
C VAL D 258 5.35 25.98 -24.93
N GLU D 259 6.56 26.53 -24.76
CA GLU D 259 6.90 27.79 -25.41
C GLU D 259 6.75 27.68 -26.92
N VAL D 260 7.27 26.60 -27.50
CA VAL D 260 7.19 26.43 -28.95
C VAL D 260 5.73 26.28 -29.38
N LEU D 261 4.97 25.44 -28.67
CA LEU D 261 3.58 25.23 -29.03
C LEU D 261 2.78 26.53 -28.95
N LEU D 262 2.94 27.27 -27.86
CA LEU D 262 2.28 28.56 -27.74
C LEU D 262 2.67 29.49 -28.88
N LYS D 263 3.94 29.45 -29.28
CA LYS D 263 4.41 30.31 -30.36
C LYS D 263 3.75 29.97 -31.69
N ASN D 264 3.48 28.68 -31.93
CA ASN D 264 2.87 28.23 -33.17
C ASN D 264 1.35 28.18 -33.10
N GLY D 265 0.75 28.75 -32.05
CA GLY D 265 -0.69 28.92 -32.01
C GLY D 265 -1.43 27.87 -31.23
N ALA D 266 -0.84 27.40 -30.12
CA ALA D 266 -1.52 26.42 -29.28
C ALA D 266 -2.63 27.08 -28.48
N ASP D 267 -3.78 26.43 -28.42
CA ASP D 267 -4.95 26.98 -27.76
C ASP D 267 -4.81 26.79 -26.25
N VAL D 268 -4.68 27.89 -25.52
CA VAL D 268 -4.56 27.81 -24.06
C VAL D 268 -5.87 27.37 -23.43
N ASN D 269 -7.00 27.73 -24.05
CA ASN D 269 -8.31 27.44 -23.48
C ASN D 269 -8.85 26.07 -23.88
N ALA D 270 -8.09 25.29 -24.65
CA ALA D 270 -8.54 23.96 -25.04
C ALA D 270 -8.78 23.11 -23.80
N GLN D 271 -9.86 22.32 -23.83
CA GLN D 271 -10.24 21.46 -22.73
C GLN D 271 -10.17 20.00 -23.17
N ASP D 272 -9.59 19.17 -22.32
CA ASP D 272 -9.57 17.73 -22.57
C ASP D 272 -10.95 17.14 -22.27
N LYS D 273 -11.08 15.83 -22.48
CA LYS D 273 -12.35 15.16 -22.23
C LYS D 273 -12.73 15.13 -20.77
N PHE D 274 -11.84 15.55 -19.87
CA PHE D 274 -12.17 15.75 -18.46
C PHE D 274 -12.38 17.22 -18.11
N GLY D 275 -12.33 18.11 -19.10
CA GLY D 275 -12.58 19.52 -18.86
C GLY D 275 -11.41 20.31 -18.34
N LYS D 276 -10.20 19.74 -18.35
CA LYS D 276 -9.02 20.43 -17.88
C LYS D 276 -8.36 21.20 -19.02
N THR D 277 -7.87 22.39 -18.71
CA THR D 277 -7.02 23.13 -19.64
C THR D 277 -5.56 22.79 -19.36
N PRO D 278 -4.66 23.09 -20.29
CA PRO D 278 -3.23 22.88 -20.01
C PRO D 278 -2.77 23.56 -18.73
N PHE D 279 -3.36 24.70 -18.39
CA PHE D 279 -3.03 25.37 -17.13
C PHE D 279 -3.43 24.49 -15.94
N ASP D 280 -4.66 23.97 -15.96
CA ASP D 280 -5.11 23.11 -14.86
C ASP D 280 -4.22 21.88 -14.73
N LEU D 281 -3.84 21.27 -15.85
CA LEU D 281 -2.96 20.11 -15.80
C LEU D 281 -1.58 20.49 -15.26
N ALA D 282 -1.06 21.65 -15.67
CA ALA D 282 0.21 22.12 -15.11
C ALA D 282 0.08 22.39 -13.62
N ILE D 283 -1.07 22.94 -13.20
CA ILE D 283 -1.30 23.16 -11.78
C ILE D 283 -1.30 21.83 -11.03
N ASP D 284 -2.08 20.87 -11.52
CA ASP D 284 -2.26 19.60 -10.81
C ASP D 284 -0.97 18.79 -10.76
N ASN D 285 -0.03 19.02 -11.68
CA ASN D 285 1.23 18.28 -11.70
C ASN D 285 2.36 19.02 -11.00
N GLY D 286 2.11 20.21 -10.48
CA GLY D 286 3.15 20.98 -9.81
C GLY D 286 4.12 21.67 -10.74
N ASN D 287 3.80 21.76 -12.04
CA ASN D 287 4.65 22.47 -12.99
C ASN D 287 4.36 23.97 -12.84
N GLU D 288 4.99 24.55 -11.83
CA GLU D 288 4.70 25.95 -11.47
C GLU D 288 5.06 26.90 -12.60
N ASP D 289 6.23 26.70 -13.21
CA ASP D 289 6.67 27.59 -14.27
C ASP D 289 5.75 27.53 -15.49
N ILE D 290 5.33 26.32 -15.87
CA ILE D 290 4.47 26.18 -17.05
C ILE D 290 3.12 26.83 -16.81
N ALA D 291 2.56 26.64 -15.62
CA ALA D 291 1.30 27.31 -15.28
C ALA D 291 1.48 28.82 -15.30
N GLU D 292 2.61 29.30 -14.77
CA GLU D 292 2.92 30.73 -14.83
C GLU D 292 2.75 31.27 -16.25
N VAL D 293 3.21 30.52 -17.25
CA VAL D 293 3.23 31.02 -18.62
C VAL D 293 1.85 30.91 -19.27
N LEU D 294 1.13 29.82 -19.00
CA LEU D 294 -0.11 29.56 -19.72
C LEU D 294 -1.19 30.61 -19.48
N GLN D 295 -1.00 31.51 -18.51
CA GLN D 295 -1.89 32.65 -18.33
C GLN D 295 -1.19 33.99 -18.45
N LYS D 296 0.14 34.02 -18.46
CA LYS D 296 0.92 35.25 -18.58
C LYS D 296 1.73 35.29 -19.87
N ALA D 297 1.33 34.52 -20.88
CA ALA D 297 2.06 34.45 -22.14
C ALA D 297 3.49 33.97 -21.90
C1 CIT E . 16.72 -5.72 22.29
O1 CIT E . 15.82 -5.10 22.89
O2 CIT E . 17.83 -5.16 22.11
C2 CIT E . 16.51 -7.14 21.79
C3 CIT E . 15.28 -7.80 22.43
O7 CIT E . 15.20 -9.16 21.95
C4 CIT E . 15.32 -7.83 23.96
C5 CIT E . 16.66 -8.31 24.46
O3 CIT E . 17.56 -7.47 24.73
O4 CIT E . 16.89 -9.53 24.62
C6 CIT E . 14.02 -7.07 21.98
O5 CIT E . 12.89 -7.44 22.39
O6 CIT E . 14.09 -6.09 21.21
H21 CIT E . 16.38 -7.12 20.71
H22 CIT E . 17.40 -7.74 22.02
HO7 CIT E . 14.37 -9.29 21.45
H41 CIT E . 14.54 -8.51 24.31
H42 CIT E . 15.11 -6.84 24.34
C1 CIT F . 25.02 0.19 15.28
O1 CIT F . 24.89 0.96 14.31
O2 CIT F . 25.43 -0.98 15.09
C2 CIT F . 24.67 0.67 16.67
C3 CIT F . 24.19 -0.48 17.57
O7 CIT F . 25.33 -1.27 17.98
C4 CIT F . 23.51 0.09 18.81
C5 CIT F . 24.20 -0.38 20.06
O3 CIT F . 24.54 0.43 20.94
O4 CIT F . 24.45 -1.60 20.23
C6 CIT F . 23.17 -1.36 16.87
O5 CIT F . 22.81 -2.43 17.41
O6 CIT F . 22.66 -1.05 15.77
H21 CIT F . 25.55 1.12 17.12
H22 CIT F . 23.90 1.42 16.61
HO7 CIT F . 25.18 -2.21 17.71
H41 CIT F . 22.47 -0.22 18.83
H42 CIT F . 23.54 1.18 18.77
C1 CIT G . 21.38 -25.65 -30.80
O1 CIT G . 21.82 -24.53 -31.08
O2 CIT G . 20.25 -25.98 -31.22
C2 CIT G . 22.17 -26.61 -29.94
C3 CIT G . 21.79 -26.48 -28.46
O7 CIT G . 20.40 -26.89 -28.34
C4 CIT G . 22.63 -27.44 -27.62
C5 CIT G . 21.74 -28.15 -26.63
O3 CIT G . 21.92 -28.01 -25.40
O4 CIT G . 20.81 -28.89 -27.03
C6 CIT G . 21.92 -25.04 -27.99
O5 CIT G . 22.63 -24.77 -26.99
O6 CIT G . 21.34 -24.10 -28.56
H21 CIT G . 22.00 -27.64 -30.27
H22 CIT G . 23.23 -26.40 -30.06
HO7 CIT G . 19.87 -26.15 -27.98
H41 CIT G . 23.40 -26.88 -27.09
H42 CIT G . 23.12 -28.17 -28.27
C1 CIT H . 22.42 -14.38 -34.05
O1 CIT H . 23.49 -13.93 -34.51
O2 CIT H . 21.72 -15.15 -34.75
C2 CIT H . 21.95 -14.02 -32.66
C3 CIT H . 22.90 -14.61 -31.62
O7 CIT H . 24.24 -14.18 -31.97
C4 CIT H . 22.61 -14.10 -30.20
C5 CIT H . 21.15 -13.76 -30.03
O3 CIT H . 20.77 -12.57 -30.11
O4 CIT H . 20.31 -14.66 -29.80
C6 CIT H . 22.87 -16.13 -31.68
O5 CIT H . 22.62 -16.80 -30.65
O6 CIT H . 23.08 -16.74 -32.75
H21 CIT H . 21.93 -12.93 -32.56
H22 CIT H . 20.94 -14.40 -32.50
HO7 CIT H . 24.80 -14.97 -32.16
H41 CIT H . 23.22 -13.23 -30.00
H42 CIT H . 22.89 -14.88 -29.48
C1 CIT I . 17.43 -21.00 -14.41
O1 CIT I . 16.39 -20.93 -13.71
O2 CIT I . 17.82 -19.98 -15.01
C2 CIT I . 18.21 -22.29 -14.50
C3 CIT I . 17.52 -23.35 -15.37
O7 CIT I . 17.72 -23.01 -16.77
C4 CIT I . 18.12 -24.72 -15.10
C5 CIT I . 17.57 -25.78 -16.05
O3 CIT I . 16.35 -25.83 -16.30
O4 CIT I . 18.34 -26.62 -16.57
C6 CIT I . 16.01 -23.34 -15.08
O5 CIT I . 15.58 -23.93 -14.06
O6 CIT I . 15.22 -22.75 -15.83
H21 CIT I . 19.20 -22.08 -14.92
H22 CIT I . 18.35 -22.70 -13.51
H41 CIT I . 17.91 -25.01 -14.07
H42 CIT I . 19.21 -24.67 -15.21
#